data_6VU6
#
_entry.id   6VU6
#
_cell.length_a   82.213
_cell.length_b   269.859
_cell.length_c   47.511
_cell.angle_alpha   90.000
_cell.angle_beta   90.000
_cell.angle_gamma   90.000
#
_symmetry.space_group_name_H-M   'P 21 21 2'
#
loop_
_entity.id
_entity.type
_entity.pdbx_description
1 polymer Adhesin
2 branched 'N-acetyl-alpha-neuraminic acid-(2-3)-beta-D-galactopyranose-(1-4)-2-acetamido-2-deoxy-beta-D-glucopyranose'
3 non-polymer 'CALCIUM ION'
4 water water
#
_entity_poly.entity_id   1
_entity_poly.type   'polypeptide(L)'
_entity_poly.pdbx_seq_one_letter_code
;TDTTPPTITLPQEVIAYRGEEFEFFVETTDDSGRVNRVIVRNIEGADNSTYLDPNWIRYSTDNLSVPGNATPANPLRTRV
YGIVPINHGVGPGDRYTKYVRAEDAAGNITALVDKQSERFVLVIRPQTEKYTPQVPTLTYVQNANSLTQTDKDAVIAAVK
SANPNLPATSTYSVSENGTVTITYPDGSTDTIAAAQTVDTDRVAPVFVDEGRDYIFYRGEEGTAELHFYDNSGKITNVNF
AGDLAASSTYNTLLGLGFTFNTPNINNPNNATEQNPLVTTIRGTIPKSLPAGPGGKYTFKVRATDASGLTSEAKIFRIVF
ANQTDKYTPNNPGSLTGVLNPQQLSTSEKTAIEEKVRAANTGNLPNNVQYVVNNDGSVTVIYPDDTPASRSRDTITADRT
VQDLRPRNS
;
_entity_poly.pdbx_strand_id   A,E
#
loop_
_chem_comp.id
_chem_comp.type
_chem_comp.name
_chem_comp.formula
CA non-polymer 'CALCIUM ION' 'Ca 2'
GAL D-saccharide, beta linking beta-D-galactopyranose 'C6 H12 O6'
NAG D-saccharide, beta linking 2-acetamido-2-deoxy-beta-D-glucopyranose 'C8 H15 N O6'
SIA D-saccharide, alpha linking 'N-acetyl-alpha-neuraminic acid' 'C11 H19 N O9'
#
# COMPACT_ATOMS: atom_id res chain seq x y z
N THR A 1 10.48 73.39 -1.33
CA THR A 1 10.10 72.74 -0.05
C THR A 1 9.37 71.44 -0.36
N ASP A 2 9.57 70.43 0.46
CA ASP A 2 8.88 69.13 0.34
C ASP A 2 7.43 69.41 0.64
N THR A 3 6.54 69.21 -0.30
CA THR A 3 5.11 69.47 -0.05
C THR A 3 4.29 68.20 -0.28
N THR A 4 4.94 67.06 -0.37
CA THR A 4 4.28 65.79 -0.73
C THR A 4 4.21 64.86 0.46
N PRO A 5 3.09 64.21 0.80
CA PRO A 5 3.10 63.29 1.92
C PRO A 5 3.71 61.94 1.53
N PRO A 6 4.00 61.06 2.47
CA PRO A 6 4.49 59.74 2.13
C PRO A 6 3.46 58.81 1.46
N THR A 7 4.00 57.72 0.94
CA THR A 7 3.25 56.63 0.27
C THR A 7 3.19 55.48 1.27
N ILE A 8 2.02 54.93 1.46
CA ILE A 8 1.83 53.80 2.39
C ILE A 8 1.30 52.58 1.65
N THR A 9 1.98 51.47 1.80
CA THR A 9 1.61 50.21 1.14
C THR A 9 1.26 49.21 2.25
N LEU A 10 0.10 48.57 2.14
CA LEU A 10 -0.35 47.57 3.13
C LEU A 10 -1.46 46.67 2.57
N PRO A 11 -1.63 45.44 3.09
CA PRO A 11 -2.67 44.54 2.64
C PRO A 11 -4.05 45.13 2.95
N GLN A 12 -5.01 44.99 2.05
CA GLN A 12 -6.37 45.52 2.32
C GLN A 12 -7.14 44.65 3.34
N GLU A 13 -6.83 43.36 3.45
CA GLU A 13 -7.59 42.45 4.32
C GLU A 13 -6.59 41.55 5.05
N VAL A 14 -6.74 41.40 6.35
CA VAL A 14 -5.87 40.49 7.13
C VAL A 14 -6.75 39.54 7.93
N ILE A 15 -6.70 38.26 7.62
CA ILE A 15 -7.54 37.26 8.34
C ILE A 15 -6.83 36.87 9.63
N ALA A 16 -7.49 37.03 10.74
CA ALA A 16 -6.92 36.66 12.05
C ALA A 16 -7.78 35.57 12.70
N TYR A 17 -7.15 34.50 13.15
CA TYR A 17 -7.94 33.41 13.73
C TYR A 17 -8.09 33.61 15.22
N ARG A 18 -9.31 33.47 15.69
CA ARG A 18 -9.61 33.58 17.11
C ARG A 18 -8.65 32.74 17.94
N GLY A 19 -8.04 33.37 18.92
CA GLY A 19 -7.14 32.71 19.87
C GLY A 19 -5.70 32.65 19.42
N GLU A 20 -5.42 32.93 18.17
CA GLU A 20 -4.02 32.81 17.69
C GLU A 20 -3.38 34.20 17.57
N GLU A 21 -2.08 34.26 17.36
CA GLU A 21 -1.51 35.60 17.15
C GLU A 21 -1.53 35.95 15.67
N PHE A 22 -1.61 37.23 15.36
CA PHE A 22 -1.46 37.71 13.99
C PHE A 22 -0.33 38.74 13.92
N GLU A 23 0.06 39.05 12.69
CA GLU A 23 1.17 39.97 12.45
C GLU A 23 1.26 40.24 10.96
N PHE A 24 1.45 41.50 10.59
CA PHE A 24 1.70 41.88 9.22
C PHE A 24 2.47 43.18 9.24
N PHE A 25 2.94 43.63 8.07
CA PHE A 25 3.84 44.77 7.98
C PHE A 25 3.32 45.82 7.02
N VAL A 26 3.41 47.06 7.46
CA VAL A 26 3.11 48.25 6.69
C VAL A 26 4.43 48.81 6.20
N GLU A 27 4.46 49.25 4.94
CA GLU A 27 5.70 49.79 4.31
C GLU A 27 5.48 51.23 3.88
N THR A 28 6.31 52.13 4.37
CA THR A 28 6.13 53.56 4.08
C THR A 28 7.36 54.15 3.41
N THR A 29 7.13 54.86 2.33
CA THR A 29 8.27 55.56 1.74
C THR A 29 7.93 57.05 1.58
N ASP A 30 8.94 57.90 1.43
CA ASP A 30 8.77 59.36 1.11
C ASP A 30 9.89 59.78 0.14
N ASP A 31 9.57 60.74 -0.73
CA ASP A 31 10.43 61.40 -1.75
C ASP A 31 11.70 61.93 -1.08
N SER A 32 11.58 62.44 0.15
CA SER A 32 12.71 62.99 0.96
C SER A 32 13.52 61.87 1.60
N GLY A 33 13.01 60.65 1.65
CA GLY A 33 13.70 59.52 2.28
C GLY A 33 13.56 59.47 3.78
N ARG A 34 12.83 60.38 4.41
CA ARG A 34 12.72 60.34 5.88
C ARG A 34 11.25 60.39 6.30
N VAL A 35 10.88 59.55 7.26
CA VAL A 35 9.49 59.62 7.79
C VAL A 35 9.59 59.75 9.31
N ASN A 36 8.83 60.65 9.88
CA ASN A 36 8.95 60.89 11.34
C ASN A 36 7.90 60.15 12.14
N ARG A 37 6.73 59.83 11.59
CA ARG A 37 5.70 59.13 12.38
C ARG A 37 4.85 58.20 11.53
N VAL A 38 4.43 57.11 12.14
CA VAL A 38 3.45 56.15 11.57
C VAL A 38 2.39 55.92 12.66
N ILE A 39 1.13 55.94 12.29
CA ILE A 39 0.03 55.92 13.26
C ILE A 39 -1.04 54.95 12.77
N VAL A 40 -1.70 54.25 13.70
CA VAL A 40 -2.85 53.39 13.42
C VAL A 40 -4.01 53.83 14.30
N ARG A 41 -5.22 53.98 13.73
CA ARG A 41 -6.28 54.58 14.52
C ARG A 41 -7.66 54.24 13.98
N ASN A 42 -8.66 54.32 14.88
CA ASN A 42 -10.08 54.37 14.48
C ASN A 42 -10.35 55.56 13.58
N ILE A 43 -11.36 55.42 12.76
CA ILE A 43 -11.73 56.52 11.84
C ILE A 43 -12.22 57.75 12.62
N GLU A 44 -13.02 57.58 13.67
CA GLU A 44 -13.53 58.72 14.45
C GLU A 44 -12.42 59.38 15.24
N GLY A 45 -12.68 60.58 15.69
CA GLY A 45 -11.72 61.38 16.45
C GLY A 45 -11.26 62.53 15.61
N ALA A 46 -10.51 63.46 16.21
CA ALA A 46 -9.95 64.61 15.52
C ALA A 46 -8.77 64.18 14.64
N ASP A 47 -8.25 65.15 13.88
CA ASP A 47 -7.15 64.93 12.93
C ASP A 47 -5.88 64.47 13.65
N ASN A 48 -5.68 64.95 14.86
CA ASN A 48 -4.49 64.63 15.67
C ASN A 48 -4.68 63.35 16.49
N SER A 49 -5.78 62.63 16.30
CA SER A 49 -6.08 61.47 17.18
C SER A 49 -5.30 60.22 16.82
N THR A 50 -4.98 59.49 17.87
CA THR A 50 -4.18 58.26 17.84
C THR A 50 -4.94 57.15 18.59
N TYR A 51 -6.18 57.43 18.97
CA TYR A 51 -7.02 56.45 19.69
C TYR A 51 -7.36 55.28 18.79
N LEU A 52 -7.10 54.12 19.32
CA LEU A 52 -7.28 52.85 18.62
C LEU A 52 -7.84 51.80 19.57
N ASP A 53 -8.81 51.02 19.09
CA ASP A 53 -9.44 49.97 19.87
C ASP A 53 -9.79 48.84 18.92
N PRO A 54 -9.85 47.61 19.42
CA PRO A 54 -9.60 47.21 20.82
C PRO A 54 -8.13 47.23 21.28
N ASN A 55 -7.98 47.04 22.60
CA ASN A 55 -6.67 47.09 23.24
C ASN A 55 -5.71 46.03 22.72
N TRP A 56 -6.21 44.93 22.15
CA TRP A 56 -5.25 43.89 21.77
C TRP A 56 -4.60 44.13 20.40
N ILE A 57 -5.13 44.98 19.53
CA ILE A 57 -4.39 45.36 18.33
C ILE A 57 -3.24 46.28 18.74
N ARG A 58 -2.03 45.92 18.35
CA ARG A 58 -0.82 46.65 18.71
C ARG A 58 0.04 46.89 17.48
N TYR A 59 0.94 47.86 17.59
CA TYR A 59 1.81 48.15 16.46
C TYR A 59 3.09 48.81 16.98
N SER A 60 4.14 48.77 16.17
CA SER A 60 5.45 49.38 16.51
C SER A 60 6.31 49.63 15.28
N THR A 61 7.04 50.74 15.27
CA THR A 61 7.99 51.07 14.19
C THR A 61 9.37 51.17 14.81
N ASP A 62 10.32 50.41 14.32
CA ASP A 62 11.64 50.34 15.00
C ASP A 62 12.64 51.43 14.63
N ASN A 63 12.40 52.22 13.59
CA ASN A 63 13.47 53.15 13.19
C ASN A 63 12.93 54.52 12.85
N LEU A 64 12.05 55.03 13.67
CA LEU A 64 11.43 56.33 13.32
C LEU A 64 12.39 57.51 13.37
N SER A 65 12.14 58.48 12.49
CA SER A 65 12.82 59.80 12.48
C SER A 65 14.31 59.69 12.25
N VAL A 66 14.75 59.04 11.18
CA VAL A 66 16.21 59.00 10.88
C VAL A 66 16.37 59.09 9.36
N PRO A 67 17.41 59.78 8.85
CA PRO A 67 17.67 59.84 7.41
C PRO A 67 17.86 58.43 6.84
N GLY A 68 17.25 58.15 5.71
CA GLY A 68 17.27 56.92 4.96
C GLY A 68 16.39 55.80 5.49
N ASN A 69 15.44 56.10 6.40
CA ASN A 69 14.63 55.02 6.93
C ASN A 69 13.55 54.57 5.96
N ALA A 70 13.18 55.49 5.07
CA ALA A 70 12.02 55.40 4.15
C ALA A 70 12.29 55.73 2.68
N THR A 71 13.01 54.88 2.00
CA THR A 71 13.18 55.04 0.54
C THR A 71 12.70 53.74 -0.11
N PRO A 72 12.44 53.59 -1.51
CA PRO A 72 11.96 52.34 -2.53
C PRO A 72 12.81 51.17 -2.03
N ALA A 73 14.09 51.38 -1.81
CA ALA A 73 14.96 50.24 -1.44
C ALA A 73 15.05 49.96 0.06
N ASN A 74 14.85 50.96 0.91
CA ASN A 74 14.94 50.76 2.39
C ASN A 74 13.66 51.33 3.02
N PRO A 75 12.49 50.75 2.70
CA PRO A 75 11.21 51.27 3.18
C PRO A 75 11.02 51.23 4.69
N LEU A 76 10.29 52.18 5.21
CA LEU A 76 10.01 52.16 6.67
C LEU A 76 9.02 51.02 6.95
N ARG A 77 9.36 50.12 7.86
CA ARG A 77 8.52 48.94 8.15
C ARG A 77 7.80 49.08 9.48
N THR A 78 6.48 48.98 9.45
CA THR A 78 5.72 49.08 10.70
C THR A 78 5.06 47.72 10.99
N ARG A 79 5.31 47.17 12.16
CA ARG A 79 4.71 45.90 12.58
C ARG A 79 3.38 46.13 13.26
N VAL A 80 2.31 45.54 12.73
CA VAL A 80 0.99 45.51 13.38
C VAL A 80 0.75 44.07 13.84
N TYR A 81 0.42 43.88 15.12
CA TYR A 81 0.35 42.51 15.65
C TYR A 81 -0.58 42.44 16.84
N GLY A 82 -0.84 41.22 17.29
CA GLY A 82 -1.57 41.01 18.54
C GLY A 82 -2.19 39.62 18.60
N ILE A 83 -2.81 39.32 19.76
CA ILE A 83 -3.44 38.02 20.00
C ILE A 83 -4.96 38.20 20.13
N VAL A 84 -5.71 37.62 19.20
CA VAL A 84 -7.18 37.69 19.27
C VAL A 84 -7.67 36.93 20.50
N PRO A 85 -8.49 37.54 21.37
CA PRO A 85 -8.97 36.84 22.57
C PRO A 85 -9.71 35.56 22.22
N ILE A 86 -9.63 34.57 23.12
CA ILE A 86 -10.16 33.22 22.83
C ILE A 86 -11.68 33.22 22.73
N ASN A 87 -12.39 34.15 23.33
CA ASN A 87 -13.86 34.15 23.31
C ASN A 87 -14.46 35.15 22.30
N HIS A 88 -13.66 35.68 21.38
CA HIS A 88 -14.17 36.70 20.43
C HIS A 88 -15.26 36.11 19.54
N GLY A 89 -16.20 36.92 19.10
CA GLY A 89 -17.21 36.48 18.14
C GLY A 89 -16.64 36.22 16.76
N VAL A 90 -17.32 35.42 15.98
CA VAL A 90 -16.87 35.10 14.62
C VAL A 90 -18.04 35.28 13.68
N GLY A 91 -19.03 36.08 14.10
CA GLY A 91 -20.19 36.43 13.30
C GLY A 91 -19.77 37.37 12.17
N PRO A 92 -20.53 37.80 10.99
CA PRO A 92 -20.07 38.68 9.89
C PRO A 92 -19.71 40.08 10.37
N GLY A 93 -20.14 40.49 11.55
CA GLY A 93 -19.75 41.77 12.09
C GLY A 93 -18.48 41.80 12.92
N ASP A 94 -17.77 40.68 13.04
CA ASP A 94 -16.54 40.58 13.85
C ASP A 94 -15.34 40.83 12.94
N ARG A 95 -15.16 42.11 12.62
CA ARG A 95 -14.13 42.66 11.74
C ARG A 95 -13.89 44.10 12.16
N TYR A 96 -12.75 44.64 11.76
CA TYR A 96 -12.30 45.96 12.22
C TYR A 96 -11.59 46.68 11.07
N THR A 97 -12.07 47.86 10.70
CA THR A 97 -11.40 48.69 9.70
C THR A 97 -10.61 49.78 10.42
N LYS A 98 -9.30 49.73 10.32
CA LYS A 98 -8.39 50.71 10.97
C LYS A 98 -7.59 51.46 9.91
N TYR A 99 -7.27 52.70 10.20
CA TYR A 99 -6.65 53.65 9.28
C TYR A 99 -5.19 53.92 9.61
N VAL A 100 -4.40 53.99 8.58
CA VAL A 100 -2.94 54.20 8.70
C VAL A 100 -2.51 55.51 8.05
N ARG A 101 -1.75 56.29 8.80
CA ARG A 101 -1.27 57.59 8.35
C ARG A 101 0.24 57.64 8.56
N ALA A 102 0.91 58.45 7.77
CA ALA A 102 2.36 58.70 7.95
C ALA A 102 2.63 60.19 7.83
N GLU A 103 3.71 60.67 8.45
CA GLU A 103 4.13 62.08 8.40
C GLU A 103 5.63 62.16 8.12
N ASP A 104 6.02 62.98 7.17
CA ASP A 104 7.46 63.12 6.89
C ASP A 104 8.11 64.14 7.81
N ALA A 105 9.37 64.43 7.53
CA ALA A 105 10.18 65.33 8.38
C ALA A 105 9.84 66.78 8.15
N ALA A 106 9.11 67.11 7.10
CA ALA A 106 8.74 68.51 6.84
C ALA A 106 7.30 68.76 7.28
N GLY A 107 6.66 67.73 7.84
CA GLY A 107 5.29 67.88 8.36
C GLY A 107 4.16 67.45 7.43
N ASN A 108 4.44 66.92 6.25
CA ASN A 108 3.33 66.49 5.36
C ASN A 108 2.74 65.17 5.88
N ILE A 109 1.45 65.14 6.21
CA ILE A 109 0.80 63.91 6.72
C ILE A 109 -0.15 63.37 5.66
N THR A 110 -0.28 62.07 5.59
CA THR A 110 -1.21 61.50 4.62
C THR A 110 -2.65 61.77 4.99
N ALA A 111 -3.49 61.85 3.95
CA ALA A 111 -4.89 62.19 4.10
C ALA A 111 -5.67 61.08 4.81
N LEU A 112 -6.69 61.49 5.55
CA LEU A 112 -7.55 60.58 6.32
C LEU A 112 -8.98 60.69 5.79
N VAL A 113 -9.47 59.67 5.08
CA VAL A 113 -10.79 59.74 4.43
C VAL A 113 -11.56 58.44 4.63
N ASP A 114 -12.69 58.52 5.35
CA ASP A 114 -13.50 57.35 5.67
C ASP A 114 -13.71 56.47 4.44
N LYS A 115 -13.36 55.19 4.57
CA LYS A 115 -13.54 54.19 3.52
C LYS A 115 -12.75 54.50 2.24
N GLN A 116 -11.85 55.49 2.28
CA GLN A 116 -11.14 55.79 1.02
C GLN A 116 -9.62 55.80 1.13
N SER A 117 -9.09 56.27 2.24
CA SER A 117 -7.63 56.40 2.45
C SER A 117 -6.98 55.09 2.92
N GLU A 118 -5.69 55.10 3.12
CA GLU A 118 -4.92 53.90 3.55
C GLU A 118 -5.54 53.26 4.81
N ARG A 119 -5.97 52.02 4.67
CA ARG A 119 -6.63 51.24 5.74
C ARG A 119 -6.55 49.73 5.49
N PHE A 120 -6.69 48.96 6.56
CA PHE A 120 -6.78 47.51 6.46
C PHE A 120 -8.01 47.03 7.20
N VAL A 121 -8.54 45.91 6.76
CA VAL A 121 -9.69 45.26 7.40
C VAL A 121 -9.18 44.00 8.08
N LEU A 122 -9.32 43.96 9.42
CA LEU A 122 -8.95 42.80 10.23
C LEU A 122 -10.17 41.94 10.51
N VAL A 123 -10.23 40.75 9.91
CA VAL A 123 -11.41 39.88 9.98
C VAL A 123 -11.14 38.69 10.91
N ILE A 124 -12.06 38.43 11.85
CA ILE A 124 -11.86 37.43 12.89
C ILE A 124 -12.62 36.17 12.52
N ARG A 125 -11.90 35.07 12.31
CA ARG A 125 -12.48 33.82 11.84
C ARG A 125 -12.21 32.68 12.83
N PRO A 126 -13.09 31.68 12.90
CA PRO A 126 -12.87 30.58 13.85
C PRO A 126 -11.75 29.69 13.38
N GLN A 127 -11.14 29.01 14.35
CA GLN A 127 -9.99 28.16 14.06
C GLN A 127 -10.33 27.03 13.10
N THR A 128 -11.58 26.59 13.09
CA THR A 128 -11.96 25.54 12.15
C THR A 128 -11.80 26.01 10.70
N GLU A 129 -11.97 27.31 10.43
CA GLU A 129 -11.86 27.84 9.08
C GLU A 129 -10.42 27.88 8.59
N LYS A 130 -9.46 27.67 9.48
CA LYS A 130 -8.07 27.56 9.11
C LYS A 130 -7.65 26.13 8.80
N TYR A 131 -8.27 25.14 9.45
CA TYR A 131 -7.84 23.74 9.24
C TYR A 131 -8.86 22.87 8.49
N THR A 132 -8.32 21.94 7.71
CA THR A 132 -9.13 20.91 7.03
C THR A 132 -8.59 19.54 7.43
N PRO A 133 -9.21 18.84 8.38
CA PRO A 133 -8.77 17.53 8.78
C PRO A 133 -8.63 16.51 7.64
N GLN A 134 -7.55 15.76 7.67
CA GLN A 134 -7.33 14.68 6.69
C GLN A 134 -8.12 13.46 7.18
N VAL A 135 -8.76 12.76 6.25
CA VAL A 135 -9.55 11.56 6.58
C VAL A 135 -8.54 10.54 7.03
N PRO A 136 -8.64 9.58 8.17
CA PRO A 136 -7.70 8.61 8.65
C PRO A 136 -7.87 7.30 7.87
N THR A 137 -6.97 6.37 8.14
CA THR A 137 -7.08 5.01 7.62
C THR A 137 -8.28 4.41 8.36
N LEU A 138 -9.09 3.63 7.66
CA LEU A 138 -10.26 2.98 8.26
C LEU A 138 -9.89 2.10 9.43
N THR A 139 -10.72 2.12 10.46
CA THR A 139 -10.64 1.25 11.65
C THR A 139 -11.76 0.21 11.51
N TYR A 140 -11.44 -1.07 11.58
CA TYR A 140 -12.41 -2.16 11.42
C TYR A 140 -12.92 -2.62 12.76
N VAL A 141 -14.23 -2.61 12.96
CA VAL A 141 -14.81 -2.98 14.28
C VAL A 141 -15.82 -4.12 14.20
N GLN A 142 -16.13 -4.67 15.37
CA GLN A 142 -17.10 -5.77 15.59
C GLN A 142 -18.50 -5.25 15.28
N ASN A 143 -18.78 -4.00 15.59
CA ASN A 143 -20.13 -3.47 15.42
C ASN A 143 -20.04 -1.97 15.18
N ALA A 144 -20.22 -1.54 13.92
CA ALA A 144 -20.09 -0.13 13.54
C ALA A 144 -21.13 0.77 14.16
N ASN A 145 -22.23 0.20 14.66
CA ASN A 145 -23.29 0.92 15.31
C ASN A 145 -23.02 1.13 16.78
N SER A 146 -22.05 0.42 17.35
CA SER A 146 -21.85 0.50 18.79
C SER A 146 -20.38 0.24 19.10
N LEU A 147 -19.55 1.24 18.86
CA LEU A 147 -18.11 1.06 19.11
C LEU A 147 -17.82 0.82 20.57
N THR A 148 -16.74 0.10 20.83
CA THR A 148 -16.23 -0.10 22.17
C THR A 148 -15.26 1.02 22.51
N GLN A 149 -14.85 1.09 23.78
CA GLN A 149 -13.85 2.12 24.17
C GLN A 149 -12.49 1.88 23.52
N THR A 150 -12.15 0.65 23.22
CA THR A 150 -10.85 0.47 22.53
C THR A 150 -11.05 0.80 21.04
N ASP A 151 -12.28 0.71 20.51
CA ASP A 151 -12.53 1.14 19.12
C ASP A 151 -12.37 2.67 19.07
N LYS A 152 -12.96 3.37 20.01
CA LYS A 152 -12.97 4.85 20.03
C LYS A 152 -11.54 5.36 20.13
N ASP A 153 -10.75 4.74 21.01
CA ASP A 153 -9.32 5.07 21.21
C ASP A 153 -8.55 4.75 19.94
N ALA A 154 -8.94 3.70 19.23
CA ALA A 154 -8.29 3.34 17.97
C ALA A 154 -8.65 4.35 16.87
N VAL A 155 -9.87 4.88 16.87
CA VAL A 155 -10.19 5.87 15.86
C VAL A 155 -9.42 7.16 16.13
N ILE A 156 -9.49 7.66 17.37
CA ILE A 156 -8.79 8.90 17.76
C ILE A 156 -7.31 8.82 17.37
N ALA A 157 -6.67 7.69 17.65
CA ALA A 157 -5.25 7.58 17.33
C ALA A 157 -5.01 7.66 15.82
N ALA A 158 -5.89 7.06 15.01
CA ALA A 158 -5.67 7.13 13.56
C ALA A 158 -6.00 8.50 12.99
N VAL A 159 -6.91 9.26 13.61
CA VAL A 159 -7.16 10.63 13.18
C VAL A 159 -5.98 11.52 13.57
N LYS A 160 -5.46 11.38 14.77
CA LYS A 160 -4.26 12.14 15.23
C LYS A 160 -3.10 11.87 14.30
N SER A 161 -2.89 10.62 13.93
CA SER A 161 -1.77 10.23 13.05
C SER A 161 -1.94 10.80 11.65
N ALA A 162 -3.15 11.00 11.18
CA ALA A 162 -3.24 11.55 9.81
C ALA A 162 -3.29 13.07 9.84
N ASN A 163 -3.32 13.67 11.04
CA ASN A 163 -3.41 15.14 11.19
C ASN A 163 -2.41 15.65 12.22
N PRO A 164 -1.15 15.82 11.85
CA PRO A 164 -0.16 16.27 12.82
C PRO A 164 0.02 17.80 12.84
N ASN A 165 -0.79 18.51 12.10
CA ASN A 165 -0.76 19.96 12.02
C ASN A 165 -1.99 20.60 12.65
N LEU A 166 -2.87 19.81 13.23
CA LEU A 166 -3.93 20.37 14.04
C LEU A 166 -3.32 20.95 15.31
N PRO A 167 -3.96 21.94 15.91
CA PRO A 167 -3.42 22.48 17.17
C PRO A 167 -3.27 21.39 18.22
N ALA A 168 -2.17 21.53 18.94
CA ALA A 168 -1.69 20.63 20.01
C ALA A 168 -2.80 20.43 20.99
N THR A 169 -3.47 21.50 21.35
CA THR A 169 -4.56 21.45 22.34
C THR A 169 -5.93 21.07 21.74
N SER A 170 -6.02 20.52 20.54
CA SER A 170 -7.31 20.06 19.98
C SER A 170 -7.83 18.87 20.79
N THR A 171 -9.12 18.82 21.06
CA THR A 171 -9.71 17.66 21.77
C THR A 171 -10.53 16.86 20.76
N TYR A 172 -10.67 15.56 20.99
CA TYR A 172 -11.39 14.68 20.08
C TYR A 172 -12.40 13.82 20.83
N SER A 173 -13.57 13.65 20.23
CA SER A 173 -14.55 12.69 20.72
C SER A 173 -15.05 11.84 19.55
N VAL A 174 -15.31 10.57 19.83
CA VAL A 174 -15.89 9.67 18.85
C VAL A 174 -17.25 9.25 19.38
N SER A 175 -18.25 9.36 18.52
CA SER A 175 -19.61 8.99 18.84
C SER A 175 -19.78 7.48 18.82
N GLU A 176 -20.99 7.03 19.18
CA GLU A 176 -21.26 5.60 19.27
C GLU A 176 -21.07 4.90 17.93
N ASN A 177 -21.29 5.61 16.82
CA ASN A 177 -21.12 5.03 15.49
C ASN A 177 -19.83 5.45 14.81
N GLY A 178 -18.89 6.06 15.55
CA GLY A 178 -17.60 6.42 15.01
C GLY A 178 -17.45 7.85 14.54
N THR A 179 -18.49 8.67 14.64
CA THR A 179 -18.40 10.03 14.10
C THR A 179 -17.47 10.88 14.95
N VAL A 180 -16.42 11.40 14.32
CA VAL A 180 -15.35 12.12 15.05
C VAL A 180 -15.60 13.61 15.16
N THR A 181 -15.55 14.10 16.37
CA THR A 181 -15.68 15.54 16.51
C THR A 181 -14.34 16.10 17.00
N ILE A 182 -13.68 16.88 16.17
CA ILE A 182 -12.44 17.55 16.54
C ILE A 182 -12.85 18.90 17.10
N THR A 183 -12.44 19.21 18.31
CA THR A 183 -12.76 20.50 18.94
C THR A 183 -11.46 21.31 19.09
N TYR A 184 -11.45 22.51 18.55
CA TYR A 184 -10.25 23.36 18.56
C TYR A 184 -10.22 24.20 19.83
N PRO A 185 -9.09 24.85 20.15
CA PRO A 185 -9.05 25.62 21.41
C PRO A 185 -10.09 26.72 21.49
N ASP A 186 -10.51 27.30 20.38
CA ASP A 186 -11.55 28.34 20.42
C ASP A 186 -12.96 27.76 20.52
N GLY A 187 -13.12 26.46 20.68
CA GLY A 187 -14.46 25.84 20.77
C GLY A 187 -15.11 25.56 19.41
N SER A 188 -14.49 25.99 18.31
CA SER A 188 -15.02 25.68 16.97
C SER A 188 -14.71 24.22 16.67
N THR A 189 -15.48 23.65 15.76
CA THR A 189 -15.32 22.19 15.61
C THR A 189 -15.13 21.73 14.20
N ASP A 190 -15.07 20.43 14.10
CA ASP A 190 -14.92 19.78 12.80
C ASP A 190 -15.29 18.32 12.91
N THR A 191 -15.95 17.81 11.89
CA THR A 191 -16.46 16.43 11.97
C THR A 191 -15.96 15.55 10.83
N ILE A 192 -15.49 14.36 11.19
CA ILE A 192 -15.24 13.30 10.22
C ILE A 192 -16.40 12.32 10.31
N ALA A 193 -17.14 12.15 9.22
CA ALA A 193 -18.31 11.29 9.24
C ALA A 193 -17.91 9.82 9.41
N ALA A 194 -18.82 9.05 10.02
CA ALA A 194 -18.59 7.63 10.32
C ALA A 194 -18.17 6.81 9.10
N ALA A 195 -18.67 7.17 7.95
CA ALA A 195 -18.33 6.47 6.70
C ALA A 195 -16.82 6.49 6.44
N GLN A 196 -16.13 7.56 6.79
CA GLN A 196 -14.68 7.67 6.56
C GLN A 196 -13.87 7.16 7.75
N THR A 197 -14.49 6.79 8.85
CA THR A 197 -13.63 6.38 9.98
C THR A 197 -13.71 4.88 10.32
N VAL A 198 -14.88 4.28 10.27
CA VAL A 198 -15.08 2.91 10.74
C VAL A 198 -15.87 2.11 9.71
N ASP A 199 -15.82 0.78 9.89
CA ASP A 199 -16.57 -0.20 9.11
C ASP A 199 -16.57 -1.48 9.92
N THR A 200 -17.63 -2.22 9.70
CA THR A 200 -17.82 -3.46 10.44
C THR A 200 -16.86 -4.47 9.86
N ASP A 201 -16.15 -5.02 10.78
CA ASP A 201 -15.16 -6.01 10.42
C ASP A 201 -15.85 -7.30 9.94
N ARG A 202 -15.79 -7.58 8.65
CA ARG A 202 -16.58 -8.71 8.08
C ARG A 202 -15.72 -9.84 7.54
N VAL A 203 -14.44 -9.61 7.39
CA VAL A 203 -13.61 -10.66 6.78
C VAL A 203 -12.53 -11.13 7.76
N ALA A 204 -12.56 -12.42 8.05
CA ALA A 204 -11.56 -13.09 8.91
C ALA A 204 -10.14 -13.10 8.30
N PRO A 205 -9.11 -13.33 9.12
CA PRO A 205 -7.74 -13.41 8.64
C PRO A 205 -7.48 -14.51 7.60
N VAL A 206 -6.62 -14.17 6.68
CA VAL A 206 -6.17 -15.03 5.56
C VAL A 206 -4.84 -15.70 5.92
N PHE A 207 -4.79 -17.03 5.74
CA PHE A 207 -3.58 -17.85 5.88
C PHE A 207 -3.01 -17.95 4.47
N VAL A 208 -1.90 -17.28 4.21
CA VAL A 208 -1.28 -17.19 2.91
C VAL A 208 -0.79 -18.57 2.44
N ASP A 209 -0.18 -19.33 3.34
CA ASP A 209 0.48 -20.59 3.02
C ASP A 209 -0.50 -21.76 3.16
N GLU A 210 -1.79 -21.49 2.98
CA GLU A 210 -2.82 -22.55 2.97
C GLU A 210 -2.45 -23.57 1.89
N GLY A 211 -2.46 -24.83 2.26
CA GLY A 211 -2.10 -25.95 1.41
C GLY A 211 -0.62 -26.15 1.16
N ARG A 212 0.23 -25.45 1.89
CA ARG A 212 1.67 -25.63 1.67
C ARG A 212 2.14 -26.91 2.36
N ASP A 213 3.17 -27.49 1.81
CA ASP A 213 3.85 -28.61 2.48
C ASP A 213 5.26 -28.17 2.79
N TYR A 214 5.62 -28.19 4.05
CA TYR A 214 6.97 -27.79 4.47
C TYR A 214 7.77 -29.06 4.73
N ILE A 215 8.80 -29.25 3.93
CA ILE A 215 9.69 -30.43 4.04
C ILE A 215 10.63 -30.29 5.21
N PHE A 216 10.54 -31.25 6.10
CA PHE A 216 11.48 -31.37 7.21
C PHE A 216 12.31 -32.61 6.99
N TYR A 217 13.64 -32.45 6.92
CA TYR A 217 14.55 -33.57 6.75
C TYR A 217 14.83 -34.22 8.09
N ARG A 218 14.64 -35.54 8.18
CA ARG A 218 14.82 -36.27 9.42
C ARG A 218 16.24 -36.10 9.96
N GLY A 219 16.34 -35.76 11.24
CA GLY A 219 17.64 -35.56 11.85
C GLY A 219 18.30 -34.24 11.56
N GLU A 220 17.63 -33.31 10.89
CA GLU A 220 18.21 -32.01 10.66
C GLU A 220 17.22 -30.97 11.14
N GLU A 221 17.68 -30.01 11.93
CA GLU A 221 16.78 -28.96 12.37
C GLU A 221 16.34 -28.14 11.17
N GLY A 222 15.05 -27.87 11.10
CA GLY A 222 14.48 -27.09 10.03
C GLY A 222 13.47 -26.11 10.61
N THR A 223 13.03 -25.21 9.76
CA THR A 223 12.04 -24.21 10.14
C THR A 223 10.94 -24.16 9.09
N ALA A 224 9.75 -23.74 9.53
CA ALA A 224 8.65 -23.40 8.63
C ALA A 224 8.15 -22.02 9.00
N GLU A 225 8.03 -21.16 8.00
CA GLU A 225 7.54 -19.78 8.16
C GLU A 225 6.07 -19.65 7.74
N LEU A 226 5.16 -19.47 8.55
CA LEU A 226 3.75 -19.35 8.16
C LEU A 226 3.32 -17.90 8.22
N HIS A 227 2.56 -17.48 7.21
CA HIS A 227 2.21 -16.08 6.99
C HIS A 227 0.71 -15.87 7.06
N PHE A 228 0.29 -14.81 7.75
CA PHE A 228 -1.10 -14.41 7.86
C PHE A 228 -1.20 -12.89 7.74
N TYR A 229 -2.28 -12.41 7.13
CA TYR A 229 -2.59 -11.00 7.26
C TYR A 229 -4.07 -10.87 7.55
N ASP A 230 -4.53 -9.63 7.69
CA ASP A 230 -5.94 -9.37 7.88
C ASP A 230 -6.27 -8.06 7.16
N ASN A 231 -7.54 -7.89 6.83
CA ASN A 231 -7.97 -6.62 6.23
C ASN A 231 -7.77 -5.47 7.22
N SER A 232 -7.98 -5.74 8.51
CA SER A 232 -7.67 -4.75 9.54
C SER A 232 -6.18 -4.55 9.72
N GLY A 233 -5.36 -5.47 9.24
CA GLY A 233 -3.95 -5.39 9.51
C GLY A 233 -3.53 -5.73 10.93
N LYS A 234 -4.42 -6.30 11.73
CA LYS A 234 -4.12 -6.66 13.11
C LYS A 234 -4.64 -8.05 13.44
N ILE A 235 -3.75 -8.91 13.92
CA ILE A 235 -4.13 -10.25 14.36
C ILE A 235 -3.75 -10.39 15.83
N THR A 236 -4.69 -10.90 16.62
CA THR A 236 -4.55 -11.03 18.05
C THR A 236 -4.22 -12.43 18.53
N ASN A 237 -4.49 -13.47 17.72
CA ASN A 237 -4.24 -14.84 18.17
C ASN A 237 -4.13 -15.78 16.98
N VAL A 238 -3.14 -16.67 17.03
CA VAL A 238 -3.04 -17.80 16.12
C VAL A 238 -3.25 -19.07 16.93
N ASN A 239 -4.17 -19.90 16.49
CA ASN A 239 -4.55 -21.09 17.25
C ASN A 239 -4.33 -22.32 16.37
N PHE A 240 -3.62 -23.29 16.97
CA PHE A 240 -3.29 -24.61 16.34
C PHE A 240 -4.11 -25.71 17.02
N ALA A 241 -4.75 -25.40 18.13
CA ALA A 241 -5.55 -26.42 18.80
C ALA A 241 -7.03 -26.12 18.66
N GLY A 242 -7.54 -25.87 17.47
CA GLY A 242 -8.94 -25.44 17.29
C GLY A 242 -9.99 -26.44 17.73
N ASP A 243 -9.82 -27.67 17.28
CA ASP A 243 -10.71 -28.80 17.61
C ASP A 243 -9.87 -29.93 18.23
N LEU A 244 -10.50 -30.97 18.75
CA LEU A 244 -9.75 -32.12 19.32
C LEU A 244 -8.71 -32.69 18.34
N ALA A 245 -9.04 -32.89 17.08
CA ALA A 245 -8.05 -33.50 16.16
C ALA A 245 -6.83 -32.60 15.94
N ALA A 246 -7.03 -31.29 15.79
CA ALA A 246 -5.91 -30.35 15.58
C ALA A 246 -5.15 -30.26 16.88
N SER A 247 -5.83 -30.36 18.00
CA SER A 247 -5.18 -30.27 19.31
C SER A 247 -4.25 -31.46 19.53
N SER A 248 -4.61 -32.60 18.96
CA SER A 248 -3.77 -33.81 19.11
C SER A 248 -2.49 -33.72 18.28
N THR A 249 -2.55 -33.41 16.98
CA THR A 249 -1.29 -33.41 16.19
C THR A 249 -0.34 -32.34 16.72
N TYR A 250 -0.86 -31.18 16.91
CA TYR A 250 -0.10 -30.04 17.47
C TYR A 250 0.58 -30.42 18.78
N ASN A 251 -0.15 -31.11 19.64
CA ASN A 251 0.43 -31.60 20.91
C ASN A 251 1.53 -32.62 20.63
N THR A 252 1.35 -33.44 19.60
CA THR A 252 2.38 -34.39 19.17
C THR A 252 3.63 -33.60 18.78
N LEU A 253 3.54 -32.52 17.98
CA LEU A 253 4.73 -31.76 17.59
C LEU A 253 5.43 -31.16 18.80
N LEU A 254 4.67 -30.73 19.81
CA LEU A 254 5.33 -30.17 20.99
C LEU A 254 6.09 -31.25 21.75
N GLY A 255 5.59 -32.49 21.70
CA GLY A 255 6.27 -33.61 22.35
C GLY A 255 7.66 -33.86 21.81
N LEU A 256 7.86 -33.68 20.50
CA LEU A 256 9.18 -33.71 19.85
C LEU A 256 10.01 -32.45 20.14
N GLY A 257 9.53 -31.51 20.95
CA GLY A 257 10.34 -30.35 21.25
C GLY A 257 10.30 -29.25 20.23
N PHE A 258 9.43 -29.32 19.23
CA PHE A 258 9.20 -28.18 18.36
C PHE A 258 8.74 -26.98 19.17
N THR A 259 9.06 -25.79 18.68
CA THR A 259 8.51 -24.55 19.21
C THR A 259 7.72 -23.84 18.12
N PHE A 260 6.82 -22.98 18.58
CA PHE A 260 5.96 -22.15 17.71
C PHE A 260 6.14 -20.71 18.20
N ASN A 261 6.70 -19.87 17.35
CA ASN A 261 7.03 -18.50 17.78
C ASN A 261 6.36 -17.47 16.86
N THR A 262 5.60 -16.57 17.46
CA THR A 262 4.93 -15.45 16.76
C THR A 262 5.32 -14.16 17.46
N PRO A 263 6.49 -13.62 17.19
CA PRO A 263 7.00 -12.53 17.98
C PRO A 263 6.22 -11.21 17.99
N ASN A 264 5.39 -10.99 17.00
CA ASN A 264 4.69 -9.71 16.88
C ASN A 264 3.19 -9.84 17.16
N ILE A 265 2.82 -10.89 17.86
CA ILE A 265 1.40 -11.19 18.12
C ILE A 265 0.78 -10.09 18.98
N ASN A 266 1.53 -9.45 19.85
CA ASN A 266 0.90 -8.45 20.75
C ASN A 266 1.06 -7.03 20.24
N ASN A 267 1.57 -6.85 19.04
CA ASN A 267 1.81 -5.50 18.50
C ASN A 267 0.70 -5.07 17.55
N PRO A 268 0.50 -3.75 17.44
CA PRO A 268 -0.47 -3.17 16.56
C PRO A 268 0.09 -3.16 15.14
N ASN A 269 -0.80 -3.23 14.16
CA ASN A 269 -0.40 -3.24 12.73
C ASN A 269 0.61 -4.36 12.47
N ASN A 270 0.34 -5.56 12.95
CA ASN A 270 1.32 -6.66 12.81
C ASN A 270 0.92 -7.65 11.72
N ALA A 271 0.01 -7.34 10.84
CA ALA A 271 -0.47 -8.40 9.96
C ALA A 271 -1.06 -7.82 8.69
N THR A 272 -0.27 -7.10 7.92
CA THR A 272 -0.79 -6.55 6.66
C THR A 272 -0.32 -7.37 5.48
N GLU A 273 -0.91 -7.14 4.34
CA GLU A 273 -0.52 -7.80 3.09
C GLU A 273 0.97 -7.63 2.80
N GLN A 274 1.50 -6.45 3.03
CA GLN A 274 2.89 -6.13 2.70
C GLN A 274 3.86 -6.63 3.77
N ASN A 275 3.51 -6.46 5.03
CA ASN A 275 4.36 -6.90 6.14
C ASN A 275 3.49 -7.81 7.00
N PRO A 276 3.20 -9.21 6.64
CA PRO A 276 2.33 -10.23 7.25
C PRO A 276 2.88 -10.69 8.59
N LEU A 277 1.96 -11.14 9.45
CA LEU A 277 2.37 -11.81 10.67
C LEU A 277 3.09 -13.10 10.31
N VAL A 278 4.16 -13.42 11.02
CA VAL A 278 4.98 -14.58 10.71
C VAL A 278 5.03 -15.50 11.91
N THR A 279 4.52 -16.71 11.74
CA THR A 279 4.75 -17.77 12.72
C THR A 279 5.87 -18.67 12.19
N THR A 280 6.91 -18.84 12.99
CA THR A 280 8.01 -19.77 12.71
C THR A 280 7.86 -21.02 13.57
N ILE A 281 7.80 -22.18 12.92
CA ILE A 281 7.88 -23.47 13.61
C ILE A 281 9.29 -24.00 13.44
N ARG A 282 9.93 -24.43 14.54
CA ARG A 282 11.32 -24.86 14.57
C ARG A 282 11.42 -26.18 15.32
N GLY A 283 12.01 -27.19 14.68
CA GLY A 283 12.24 -28.44 15.39
C GLY A 283 12.88 -29.47 14.48
N THR A 284 13.16 -30.64 15.07
CA THR A 284 13.81 -31.71 14.34
C THR A 284 12.89 -32.92 14.31
N ILE A 285 12.58 -33.41 13.12
CA ILE A 285 11.94 -34.72 13.00
C ILE A 285 13.02 -35.73 13.27
N PRO A 286 12.94 -36.50 14.35
CA PRO A 286 13.97 -37.51 14.61
C PRO A 286 13.91 -38.65 13.60
N LYS A 287 14.96 -39.44 13.55
CA LYS A 287 15.07 -40.54 12.57
C LYS A 287 14.13 -41.67 12.92
N SER A 288 13.69 -41.70 14.18
CA SER A 288 12.71 -42.72 14.62
C SER A 288 11.41 -42.62 13.83
N LEU A 289 10.99 -41.42 13.42
CA LEU A 289 9.83 -41.26 12.51
C LEU A 289 10.32 -41.51 11.09
N PRO A 290 9.78 -42.45 10.33
CA PRO A 290 10.26 -42.64 8.99
C PRO A 290 9.53 -41.79 7.95
N ALA A 291 10.24 -41.47 6.87
CA ALA A 291 9.64 -40.85 5.71
C ALA A 291 8.81 -41.86 4.92
N GLY A 292 7.98 -41.35 4.03
CA GLY A 292 7.18 -42.18 3.16
C GLY A 292 5.75 -41.72 3.04
N PRO A 293 4.84 -42.66 2.72
CA PRO A 293 3.44 -42.29 2.49
C PRO A 293 2.77 -41.64 3.70
N GLY A 294 2.94 -42.20 4.88
CA GLY A 294 2.39 -41.66 6.12
C GLY A 294 3.36 -40.82 6.92
N GLY A 295 4.47 -40.40 6.35
CA GLY A 295 5.41 -39.60 7.14
C GLY A 295 5.02 -38.15 7.08
N LYS A 296 4.04 -37.77 7.86
CA LYS A 296 3.56 -36.37 7.78
C LYS A 296 2.66 -36.07 8.95
N TYR A 297 2.40 -34.80 9.11
CA TYR A 297 1.50 -34.26 10.15
C TYR A 297 0.61 -33.25 9.45
N THR A 298 -0.70 -33.35 9.63
CA THR A 298 -1.67 -32.44 8.96
C THR A 298 -2.20 -31.48 10.00
N PHE A 299 -1.92 -30.22 9.84
CA PHE A 299 -2.35 -29.25 10.85
C PHE A 299 -3.50 -28.39 10.34
N LYS A 300 -4.38 -27.99 11.26
CA LYS A 300 -5.39 -26.97 11.00
C LYS A 300 -5.12 -25.79 11.93
N VAL A 301 -4.96 -24.61 11.35
CA VAL A 301 -4.66 -23.41 12.12
C VAL A 301 -5.78 -22.42 11.90
N ARG A 302 -6.13 -21.65 12.94
CA ARG A 302 -7.12 -20.54 12.84
C ARG A 302 -6.54 -19.27 13.48
N ALA A 303 -6.84 -18.14 12.88
CA ALA A 303 -6.41 -16.84 13.37
C ALA A 303 -7.62 -15.92 13.64
N THR A 304 -7.51 -15.08 14.66
CA THR A 304 -8.55 -14.14 15.04
C THR A 304 -8.05 -12.71 15.02
N ASP A 305 -8.90 -11.78 14.56
CA ASP A 305 -8.54 -10.37 14.55
C ASP A 305 -9.11 -9.68 15.79
N ALA A 306 -8.93 -8.35 15.89
CA ALA A 306 -9.35 -7.63 17.10
C ALA A 306 -10.86 -7.55 17.22
N SER A 307 -11.59 -7.66 16.12
CA SER A 307 -13.05 -7.73 16.16
C SER A 307 -13.57 -9.10 16.56
N GLY A 308 -12.71 -10.00 17.00
CA GLY A 308 -13.14 -11.35 17.33
C GLY A 308 -13.57 -12.24 16.18
N LEU A 309 -13.39 -11.82 14.93
CA LEU A 309 -13.69 -12.71 13.81
C LEU A 309 -12.58 -13.76 13.67
N THR A 310 -12.98 -14.99 13.89
CA THR A 310 -12.00 -16.08 13.79
C THR A 310 -12.16 -16.71 12.42
N SER A 311 -11.08 -17.09 11.78
CA SER A 311 -11.18 -17.74 10.46
C SER A 311 -11.59 -19.21 10.60
N GLU A 312 -11.96 -19.79 9.48
CA GLU A 312 -12.31 -21.22 9.46
C GLU A 312 -10.96 -21.94 9.40
N ALA A 313 -10.82 -22.99 10.17
CA ALA A 313 -9.63 -23.85 10.27
C ALA A 313 -9.05 -24.11 8.88
N LYS A 314 -7.80 -23.73 8.65
CA LYS A 314 -7.15 -23.91 7.34
C LYS A 314 -5.98 -24.91 7.49
N ILE A 315 -5.50 -25.49 6.40
CA ILE A 315 -4.52 -26.61 6.42
C ILE A 315 -3.13 -26.31 5.87
N PHE A 316 -2.11 -26.85 6.54
CA PHE A 316 -0.75 -26.99 6.04
C PHE A 316 -0.22 -28.32 6.55
N ARG A 317 0.86 -28.78 5.93
CA ARG A 317 1.46 -30.04 6.31
C ARG A 317 2.95 -29.88 6.49
N ILE A 318 3.49 -30.61 7.46
CA ILE A 318 4.91 -30.92 7.52
C ILE A 318 5.11 -32.27 6.86
N VAL A 319 6.07 -32.34 5.94
CA VAL A 319 6.36 -33.56 5.18
C VAL A 319 7.78 -34.02 5.49
N PHE A 320 7.91 -35.26 5.96
CA PHE A 320 9.22 -35.83 6.27
C PHE A 320 9.91 -36.28 4.99
N ALA A 321 11.22 -36.06 4.94
CA ALA A 321 12.06 -36.53 3.85
C ALA A 321 13.39 -37.03 4.41
N ASN A 322 14.03 -37.90 3.64
CA ASN A 322 15.32 -38.48 4.03
C ASN A 322 16.44 -37.54 3.63
N GLN A 323 17.58 -37.60 4.29
CA GLN A 323 18.71 -36.73 3.92
C GLN A 323 19.25 -37.00 2.51
N THR A 324 19.02 -38.18 2.00
CA THR A 324 19.52 -38.49 0.66
C THR A 324 18.89 -37.55 -0.36
N ASP A 325 17.70 -37.13 -0.27
CA ASP A 325 17.00 -36.24 -1.22
C ASP A 325 17.74 -34.90 -1.31
N LYS A 326 18.39 -34.49 -0.23
CA LYS A 326 19.05 -33.17 -0.15
C LYS A 326 20.51 -33.19 -0.60
N TYR A 327 21.21 -34.31 -0.48
CA TYR A 327 22.65 -34.30 -0.80
C TYR A 327 22.97 -35.13 -2.04
N THR A 328 24.04 -34.77 -2.69
CA THR A 328 24.55 -35.47 -3.88
C THR A 328 26.07 -35.58 -3.70
N PRO A 329 26.62 -36.79 -3.53
CA PRO A 329 28.03 -36.93 -3.30
C PRO A 329 28.96 -36.46 -4.42
N ASN A 330 30.08 -35.88 -4.05
CA ASN A 330 31.12 -35.60 -5.02
C ASN A 330 31.89 -36.88 -5.32
N ASN A 331 32.36 -37.00 -6.54
CA ASN A 331 33.28 -38.06 -6.92
C ASN A 331 34.69 -37.69 -6.48
N PRO A 332 35.49 -38.68 -6.11
CA PRO A 332 36.86 -38.38 -5.66
C PRO A 332 37.68 -37.78 -6.79
N GLY A 333 38.79 -37.14 -6.41
CA GLY A 333 39.55 -36.36 -7.38
C GLY A 333 40.33 -37.22 -8.35
N SER A 334 40.62 -38.46 -7.96
CA SER A 334 41.27 -39.43 -8.83
C SER A 334 40.80 -40.82 -8.44
N LEU A 335 40.96 -41.76 -9.38
CA LEU A 335 40.66 -43.16 -9.10
C LEU A 335 41.78 -43.78 -8.28
N THR A 336 41.45 -44.91 -7.65
CA THR A 336 42.41 -45.71 -6.91
C THR A 336 42.72 -47.00 -7.66
N GLY A 337 44.01 -47.32 -7.78
CA GLY A 337 44.41 -48.52 -8.50
C GLY A 337 44.13 -49.76 -7.67
N VAL A 338 43.66 -50.82 -8.32
CA VAL A 338 43.33 -52.09 -7.67
C VAL A 338 43.88 -53.22 -8.53
N LEU A 339 44.53 -54.16 -7.88
CA LEU A 339 45.12 -55.35 -8.53
C LEU A 339 44.03 -56.22 -9.11
N ASN A 340 42.90 -56.23 -8.42
CA ASN A 340 41.78 -57.07 -8.85
C ASN A 340 40.45 -56.35 -8.61
N PRO A 341 39.75 -55.94 -9.68
CA PRO A 341 38.48 -55.29 -9.57
C PRO A 341 37.40 -56.15 -8.93
N GLN A 342 37.47 -57.47 -9.03
CA GLN A 342 36.50 -58.39 -8.41
C GLN A 342 36.53 -58.26 -6.88
N GLN A 343 37.72 -58.11 -6.30
CA GLN A 343 37.81 -58.11 -4.83
C GLN A 343 38.95 -57.25 -4.35
N LEU A 344 38.60 -56.08 -3.85
CA LEU A 344 39.52 -55.09 -3.36
C LEU A 344 40.15 -55.54 -2.04
N SER A 345 41.41 -55.21 -1.86
CA SER A 345 42.09 -55.50 -0.60
C SER A 345 41.59 -54.57 0.48
N THR A 346 42.14 -54.70 1.69
CA THR A 346 41.78 -53.79 2.76
C THR A 346 42.42 -52.42 2.56
N SER A 347 43.71 -52.40 2.19
CA SER A 347 44.38 -51.12 1.93
C SER A 347 43.72 -50.39 0.77
N GLU A 348 43.36 -51.10 -0.30
CA GLU A 348 42.70 -50.47 -1.44
C GLU A 348 41.42 -49.80 -0.99
N LYS A 349 40.55 -50.53 -0.27
CA LYS A 349 39.32 -49.95 0.27
C LYS A 349 39.58 -48.72 1.12
N THR A 350 40.67 -48.72 1.89
CA THR A 350 40.98 -47.62 2.79
C THR A 350 41.36 -46.36 2.03
N ALA A 351 42.12 -46.50 0.94
CA ALA A 351 42.55 -45.35 0.17
C ALA A 351 41.37 -44.70 -0.56
N ILE A 352 40.41 -45.53 -0.99
CA ILE A 352 39.20 -45.06 -1.65
C ILE A 352 38.38 -44.21 -0.69
N GLU A 353 38.18 -44.70 0.53
CA GLU A 353 37.39 -43.95 1.50
C GLU A 353 38.07 -42.63 1.84
N GLU A 354 39.41 -42.63 1.91
CA GLU A 354 40.13 -41.40 2.17
C GLU A 354 39.86 -40.38 1.08
N LYS A 355 39.81 -40.81 -0.17
CA LYS A 355 39.65 -39.87 -1.28
C LYS A 355 38.21 -39.40 -1.42
N VAL A 356 37.25 -40.29 -1.14
CA VAL A 356 35.85 -39.90 -1.21
C VAL A 356 35.52 -38.93 -0.09
N ARG A 357 35.90 -39.28 1.14
CA ARG A 357 35.82 -38.35 2.27
C ARG A 357 36.47 -37.00 1.93
N ALA A 358 37.69 -37.01 1.39
CA ALA A 358 38.38 -35.75 1.16
C ALA A 358 37.67 -34.91 0.10
N ALA A 359 36.99 -35.54 -0.83
CA ALA A 359 36.32 -34.82 -1.93
C ALA A 359 34.96 -34.29 -1.48
N ASN A 360 34.44 -34.79 -0.36
CA ASN A 360 33.10 -34.39 0.07
C ASN A 360 33.12 -33.50 1.32
N THR A 361 34.25 -32.95 1.69
CA THR A 361 34.20 -32.10 2.90
C THR A 361 33.65 -30.74 2.48
N GLY A 362 32.62 -30.28 3.15
CA GLY A 362 31.97 -29.04 2.73
C GLY A 362 30.73 -29.34 1.90
N ASN A 363 30.48 -30.60 1.60
CA ASN A 363 29.31 -30.99 0.79
C ASN A 363 28.39 -31.86 1.62
N LEU A 364 28.83 -33.07 1.97
CA LEU A 364 27.97 -33.95 2.77
C LEU A 364 28.18 -33.67 4.25
N PRO A 365 27.24 -34.08 5.11
CA PRO A 365 27.45 -33.88 6.56
C PRO A 365 28.74 -34.54 7.03
N ASN A 366 29.36 -33.91 8.03
CA ASN A 366 30.61 -34.40 8.59
C ASN A 366 30.48 -35.81 9.17
N ASN A 367 29.29 -36.20 9.61
CA ASN A 367 29.09 -37.53 10.21
C ASN A 367 28.45 -38.52 9.23
N VAL A 368 28.76 -38.43 7.95
CA VAL A 368 28.29 -39.40 6.93
C VAL A 368 29.22 -40.63 7.01
N GLN A 369 28.65 -41.82 6.90
CA GLN A 369 29.41 -43.07 6.95
C GLN A 369 29.54 -43.60 5.51
N TYR A 370 30.76 -43.87 5.05
CA TYR A 370 31.02 -44.44 3.71
C TYR A 370 31.36 -45.91 3.86
N VAL A 371 30.73 -46.75 3.07
CA VAL A 371 31.05 -48.20 3.10
C VAL A 371 31.57 -48.60 1.72
N VAL A 372 32.86 -48.93 1.61
CA VAL A 372 33.43 -49.34 0.33
C VAL A 372 33.15 -50.82 0.16
N ASN A 373 32.44 -51.18 -0.91
CA ASN A 373 32.06 -52.58 -1.07
C ASN A 373 33.21 -53.35 -1.75
N ASN A 374 32.97 -54.64 -2.00
CA ASN A 374 34.05 -55.49 -2.52
C ASN A 374 34.44 -55.11 -3.94
N ASP A 375 33.47 -54.66 -4.73
CA ASP A 375 33.70 -54.25 -6.11
C ASP A 375 34.15 -52.79 -6.22
N GLY A 376 34.49 -52.12 -5.12
CA GLY A 376 34.96 -50.75 -5.20
C GLY A 376 33.89 -49.68 -5.23
N SER A 377 32.63 -50.03 -5.44
CA SER A 377 31.54 -49.07 -5.27
C SER A 377 31.47 -48.64 -3.81
N VAL A 378 30.74 -47.56 -3.57
CA VAL A 378 30.72 -46.91 -2.27
C VAL A 378 29.29 -46.64 -1.86
N THR A 379 28.91 -47.12 -0.69
CA THR A 379 27.63 -46.78 -0.10
C THR A 379 27.85 -45.57 0.81
N VAL A 380 27.14 -44.47 0.52
CA VAL A 380 27.10 -43.31 1.39
C VAL A 380 25.86 -43.47 2.25
N ILE A 381 26.05 -43.54 3.57
CA ILE A 381 24.97 -43.72 4.53
C ILE A 381 24.81 -42.42 5.31
N TYR A 382 23.63 -41.81 5.22
CA TYR A 382 23.48 -40.53 5.90
C TYR A 382 23.03 -40.76 7.34
N PRO A 383 23.29 -39.79 8.22
CA PRO A 383 23.01 -39.98 9.66
C PRO A 383 21.60 -40.37 10.01
N ASP A 384 20.62 -40.17 9.13
CA ASP A 384 19.23 -40.50 9.42
C ASP A 384 18.80 -41.86 8.92
N ASP A 385 19.70 -42.63 8.32
CA ASP A 385 19.33 -43.92 7.75
C ASP A 385 18.83 -44.85 8.85
N THR A 386 17.69 -45.48 8.60
CA THR A 386 17.07 -46.48 9.47
C THR A 386 16.58 -47.62 8.59
N PRO A 387 16.35 -48.81 9.17
CA PRO A 387 15.72 -49.90 8.39
C PRO A 387 14.38 -49.51 7.78
N ALA A 388 13.56 -48.77 8.55
CA ALA A 388 12.22 -48.39 8.12
C ALA A 388 12.20 -47.21 7.16
N SER A 389 13.34 -46.51 7.00
CA SER A 389 13.45 -45.37 6.11
C SER A 389 14.94 -45.21 5.79
N ARG A 390 15.35 -45.73 4.63
CA ARG A 390 16.77 -45.78 4.21
C ARG A 390 17.15 -44.43 3.59
N SER A 391 18.35 -43.96 3.85
CA SER A 391 18.84 -42.65 3.41
C SER A 391 20.28 -42.86 2.97
N ARG A 392 20.45 -43.42 1.76
CA ARG A 392 21.75 -43.79 1.25
C ARG A 392 21.93 -43.37 -0.20
N ASP A 393 23.19 -43.17 -0.60
CA ASP A 393 23.58 -42.90 -1.98
C ASP A 393 24.63 -43.90 -2.42
N THR A 394 24.74 -44.09 -3.73
CA THR A 394 25.74 -44.99 -4.30
C THR A 394 26.68 -44.22 -5.22
N ILE A 395 27.98 -44.44 -5.03
CA ILE A 395 29.00 -44.06 -6.01
C ILE A 395 29.47 -45.34 -6.69
N THR A 396 29.36 -45.39 -8.00
CA THR A 396 29.64 -46.60 -8.78
C THR A 396 31.14 -46.84 -8.92
N ALA A 397 31.50 -48.11 -9.16
CA ALA A 397 32.90 -48.49 -9.16
C ALA A 397 33.69 -47.73 -10.23
N ASP A 398 33.04 -47.39 -11.35
CA ASP A 398 33.74 -46.73 -12.45
C ASP A 398 34.15 -45.30 -12.11
N ARG A 399 33.69 -44.75 -10.99
CA ARG A 399 34.15 -43.46 -10.52
C ARG A 399 35.20 -43.57 -9.40
N THR A 400 35.40 -44.76 -8.81
CA THR A 400 36.34 -44.89 -7.70
C THR A 400 37.56 -45.77 -8.02
N VAL A 401 37.47 -46.67 -9.01
CA VAL A 401 38.41 -47.78 -9.16
C VAL A 401 39.09 -47.76 -10.51
N GLN A 402 40.37 -48.12 -10.55
CA GLN A 402 41.10 -48.26 -11.79
C GLN A 402 41.85 -49.58 -11.81
N ASP A 403 41.44 -50.49 -12.69
CA ASP A 403 42.21 -51.67 -13.06
C ASP A 403 43.69 -51.34 -13.27
N LEU A 404 44.56 -52.08 -12.58
CA LEU A 404 46.01 -51.98 -12.73
C LEU A 404 46.62 -53.22 -13.38
N ARG A 405 45.78 -54.14 -13.85
CA ARG A 405 46.33 -55.32 -14.51
C ARG A 405 46.96 -54.93 -15.85
N PRO A 406 48.12 -55.48 -16.18
CA PRO A 406 48.75 -55.17 -17.47
C PRO A 406 47.96 -55.78 -18.61
N ARG A 407 48.26 -55.32 -19.82
CA ARG A 407 47.54 -55.79 -20.99
C ARG A 407 48.33 -56.83 -21.77
N ASN A 408 47.59 -57.73 -22.42
CA ASN A 408 48.18 -58.83 -23.17
C ASN A 408 49.23 -58.33 -24.17
N SER A 409 50.33 -59.07 -24.27
CA SER A 409 51.33 -58.96 -25.35
C SER A 409 51.38 -57.62 -26.09
N THR B 1 -57.90 39.52 17.07
CA THR B 1 -57.27 40.47 16.12
C THR B 1 -55.74 40.36 16.20
N ASP B 2 -55.16 39.68 15.21
CA ASP B 2 -53.70 39.44 15.04
C ASP B 2 -52.96 40.76 14.97
N THR B 3 -52.06 41.03 15.89
CA THR B 3 -51.35 42.31 15.87
C THR B 3 -49.83 42.12 15.98
N THR B 4 -49.36 40.90 15.84
CA THR B 4 -47.93 40.58 15.95
C THR B 4 -47.46 40.08 14.60
N PRO B 5 -46.29 40.52 13.80
CA PRO B 5 -45.81 40.06 12.52
C PRO B 5 -45.12 38.70 12.56
N PRO B 6 -44.70 38.16 11.41
CA PRO B 6 -43.93 36.94 11.38
C PRO B 6 -42.56 36.95 12.09
N THR B 7 -42.12 35.76 12.40
CA THR B 7 -40.78 35.44 12.95
C THR B 7 -39.99 34.88 11.77
N ILE B 8 -38.78 35.35 11.55
CA ILE B 8 -37.91 34.97 10.42
C ILE B 8 -36.63 34.41 11.01
N THR B 9 -36.30 33.17 10.62
CA THR B 9 -35.04 32.47 10.88
C THR B 9 -34.25 32.30 9.60
N LEU B 10 -32.97 32.59 9.65
CA LEU B 10 -32.08 32.56 8.48
C LEU B 10 -30.65 32.77 8.98
N PRO B 11 -29.64 32.35 8.21
CA PRO B 11 -28.25 32.55 8.66
C PRO B 11 -27.81 34.01 8.58
N GLN B 12 -26.97 34.40 9.54
CA GLN B 12 -26.42 35.76 9.55
C GLN B 12 -25.35 35.98 8.50
N GLU B 13 -24.61 34.94 8.13
CA GLU B 13 -23.56 35.07 7.12
C GLU B 13 -23.65 33.89 6.16
N VAL B 14 -23.59 34.16 4.86
CA VAL B 14 -23.58 33.12 3.82
C VAL B 14 -22.37 33.37 2.93
N ILE B 15 -21.45 32.43 2.93
CA ILE B 15 -20.27 32.49 2.08
C ILE B 15 -20.58 31.84 0.74
N ALA B 16 -20.38 32.59 -0.33
CA ALA B 16 -20.60 32.13 -1.69
C ALA B 16 -19.29 32.24 -2.46
N TYR B 17 -18.99 31.27 -3.31
CA TYR B 17 -17.70 31.28 -3.98
C TYR B 17 -17.81 31.85 -5.38
N ARG B 18 -16.79 32.59 -5.79
CA ARG B 18 -16.74 33.22 -7.11
C ARG B 18 -16.82 32.18 -8.20
N GLY B 19 -17.73 32.39 -9.12
CA GLY B 19 -18.01 31.49 -10.24
C GLY B 19 -19.02 30.41 -9.91
N GLU B 20 -19.35 30.18 -8.65
CA GLU B 20 -20.26 29.06 -8.31
C GLU B 20 -21.69 29.50 -8.03
N GLU B 21 -22.58 28.51 -7.96
CA GLU B 21 -23.97 28.73 -7.57
C GLU B 21 -24.01 28.71 -6.04
N PHE B 22 -24.87 29.52 -5.46
CA PHE B 22 -25.09 29.49 -4.00
C PHE B 22 -26.58 29.30 -3.74
N GLU B 23 -26.95 28.86 -2.56
CA GLU B 23 -28.36 28.63 -2.21
C GLU B 23 -28.53 28.47 -0.69
N PHE B 24 -29.48 29.16 -0.11
CA PHE B 24 -29.80 28.94 1.28
C PHE B 24 -31.28 29.19 1.47
N PHE B 25 -31.81 28.79 2.63
CA PHE B 25 -33.24 28.92 2.94
C PHE B 25 -33.49 29.78 4.17
N VAL B 26 -34.59 30.50 4.10
CA VAL B 26 -35.16 31.35 5.15
C VAL B 26 -36.43 30.63 5.62
N GLU B 27 -36.57 30.40 6.92
CA GLU B 27 -37.79 29.78 7.46
C GLU B 27 -38.63 30.86 8.18
N THR B 28 -39.87 31.09 7.75
CA THR B 28 -40.76 32.11 8.34
C THR B 28 -41.93 31.48 9.10
N THR B 29 -42.26 32.01 10.25
CA THR B 29 -43.39 31.48 11.05
C THR B 29 -44.32 32.61 11.46
N ASP B 30 -45.60 32.36 11.72
CA ASP B 30 -46.57 33.37 12.24
C ASP B 30 -47.53 32.74 13.26
N ASP B 31 -47.99 33.50 14.26
CA ASP B 31 -48.94 33.01 15.30
C ASP B 31 -50.23 32.52 14.65
N SER B 32 -50.63 33.06 13.52
CA SER B 32 -51.84 32.61 12.82
C SER B 32 -51.61 31.37 11.95
N GLY B 33 -50.38 31.02 11.58
CA GLY B 33 -50.06 29.85 10.76
C GLY B 33 -50.05 30.05 9.25
N ARG B 34 -50.22 31.26 8.80
CA ARG B 34 -50.34 31.86 7.46
C ARG B 34 -49.37 33.03 7.24
N VAL B 35 -48.64 32.94 6.15
CA VAL B 35 -47.77 34.06 5.74
C VAL B 35 -48.06 34.25 4.27
N ASN B 36 -48.26 35.49 3.88
CA ASN B 36 -48.63 35.89 2.53
C ASN B 36 -47.45 36.36 1.70
N ARG B 37 -46.57 37.20 2.24
CA ARG B 37 -45.48 37.76 1.45
C ARG B 37 -44.14 37.63 2.15
N VAL B 38 -43.11 37.30 1.37
CA VAL B 38 -41.71 37.33 1.82
C VAL B 38 -40.88 38.02 0.75
N ILE B 39 -40.05 38.98 1.16
CA ILE B 39 -39.25 39.73 0.20
C ILE B 39 -37.82 39.92 0.71
N VAL B 40 -36.93 40.16 -0.24
CA VAL B 40 -35.51 40.39 0.02
C VAL B 40 -35.15 41.70 -0.69
N ARG B 41 -34.57 42.62 0.05
CA ARG B 41 -34.31 43.96 -0.51
C ARG B 41 -33.04 44.56 0.07
N ASN B 42 -32.64 45.65 -0.55
CA ASN B 42 -31.57 46.57 -0.08
C ASN B 42 -32.15 47.41 1.08
N ILE B 43 -31.34 47.93 1.98
CA ILE B 43 -31.93 48.72 3.11
C ILE B 43 -32.57 49.95 2.54
N GLU B 44 -31.93 50.58 1.58
CA GLU B 44 -32.44 51.87 1.07
C GLU B 44 -33.75 51.72 0.31
N GLY B 45 -34.47 52.81 0.24
CA GLY B 45 -35.73 52.89 -0.49
C GLY B 45 -36.89 52.99 0.46
N ALA B 46 -38.10 53.23 -0.05
CA ALA B 46 -39.32 53.35 0.75
C ALA B 46 -39.76 52.05 1.44
N ASP B 47 -40.86 52.09 2.17
CA ASP B 47 -41.24 50.95 3.00
C ASP B 47 -41.75 49.77 2.17
N ASN B 48 -42.34 50.02 1.02
CA ASN B 48 -42.74 48.90 0.19
C ASN B 48 -41.83 48.70 -1.01
N SER B 49 -40.60 49.20 -0.93
CA SER B 49 -39.62 48.92 -1.96
C SER B 49 -39.22 47.47 -1.87
N THR B 50 -39.16 46.82 -3.01
CA THR B 50 -38.51 45.52 -3.12
C THR B 50 -37.32 45.60 -4.07
N TYR B 51 -36.70 46.78 -4.15
CA TYR B 51 -35.51 46.97 -5.03
C TYR B 51 -34.33 46.21 -4.43
N LEU B 52 -33.71 45.41 -5.25
CA LEU B 52 -32.61 44.58 -4.76
C LEU B 52 -31.54 44.47 -5.83
N ASP B 53 -30.32 44.71 -5.41
CA ASP B 53 -29.19 44.53 -6.34
C ASP B 53 -28.09 43.76 -5.59
N PRO B 54 -27.12 43.12 -6.24
CA PRO B 54 -26.99 43.04 -7.67
C PRO B 54 -28.01 42.09 -8.33
N ASN B 55 -28.09 42.11 -9.63
CA ASN B 55 -29.07 41.36 -10.45
C ASN B 55 -28.94 39.83 -10.32
N TRP B 56 -27.83 39.30 -9.86
CA TRP B 56 -27.66 37.84 -9.79
C TRP B 56 -28.14 37.23 -8.47
N ILE B 57 -28.70 38.02 -7.56
CA ILE B 57 -29.24 37.44 -6.34
C ILE B 57 -30.75 37.26 -6.54
N ARG B 58 -31.23 36.05 -6.33
CA ARG B 58 -32.62 35.72 -6.67
C ARG B 58 -33.27 35.00 -5.50
N TYR B 59 -34.59 35.10 -5.43
CA TYR B 59 -35.30 34.37 -4.39
C TYR B 59 -36.66 33.93 -4.90
N SER B 60 -37.19 32.86 -4.30
CA SER B 60 -38.55 32.38 -4.56
C SER B 60 -39.06 31.71 -3.31
N THR B 61 -40.39 31.69 -3.23
CA THR B 61 -41.18 31.05 -2.14
C THR B 61 -42.38 30.31 -2.71
N ASP B 62 -42.40 29.01 -2.59
CA ASP B 62 -43.58 28.26 -3.10
C ASP B 62 -44.64 28.23 -1.98
N ASN B 63 -45.90 28.00 -2.29
CA ASN B 63 -46.98 27.85 -1.28
C ASN B 63 -47.18 29.15 -0.50
N LEU B 64 -46.98 30.28 -1.16
CA LEU B 64 -47.25 31.54 -0.47
C LEU B 64 -48.74 31.73 -0.32
N SER B 65 -49.15 32.37 0.76
CA SER B 65 -50.55 32.79 1.02
C SER B 65 -51.57 31.64 1.15
N VAL B 66 -51.26 30.57 1.88
CA VAL B 66 -52.28 29.51 2.07
C VAL B 66 -52.44 29.21 3.56
N PRO B 67 -53.59 28.78 4.09
CA PRO B 67 -53.73 28.54 5.51
C PRO B 67 -52.75 27.49 6.00
N GLY B 68 -52.14 27.76 7.15
CA GLY B 68 -51.11 26.92 7.77
C GLY B 68 -49.89 26.65 6.89
N ASN B 69 -49.38 27.62 6.16
CA ASN B 69 -48.15 27.43 5.37
C ASN B 69 -46.95 27.87 6.22
N ALA B 70 -47.21 28.37 7.42
CA ALA B 70 -46.23 29.01 8.33
C ALA B 70 -46.44 28.60 9.79
N THR B 71 -46.20 27.35 10.11
CA THR B 71 -46.34 26.93 11.53
C THR B 71 -44.99 26.44 12.04
N PRO B 72 -44.79 26.20 13.34
CA PRO B 72 -43.55 25.62 13.80
C PRO B 72 -43.41 24.21 13.24
N ALA B 73 -44.50 23.45 13.17
CA ALA B 73 -44.44 22.11 12.57
C ALA B 73 -43.91 22.26 11.17
N ASN B 74 -44.58 23.01 10.30
CA ASN B 74 -43.99 23.14 8.95
C ASN B 74 -43.84 24.61 8.59
N PRO B 75 -42.63 25.13 8.74
CA PRO B 75 -42.35 26.51 8.48
C PRO B 75 -42.26 26.65 6.98
N LEU B 76 -42.58 27.89 6.60
CA LEU B 76 -42.60 28.42 5.21
C LEU B 76 -41.17 28.62 4.73
N ARG B 77 -40.77 27.91 3.69
CA ARG B 77 -39.39 27.96 3.16
C ARG B 77 -39.24 28.93 1.99
N THR B 78 -38.30 29.84 2.11
CA THR B 78 -37.94 30.82 1.07
C THR B 78 -36.53 30.52 0.58
N ARG B 79 -36.38 30.28 -0.70
CA ARG B 79 -35.09 29.95 -1.35
C ARG B 79 -34.39 31.20 -1.86
N VAL B 80 -33.20 31.47 -1.36
CA VAL B 80 -32.37 32.57 -1.87
C VAL B 80 -31.17 31.94 -2.56
N TYR B 81 -30.89 32.36 -3.80
CA TYR B 81 -29.93 31.63 -4.60
C TYR B 81 -29.42 32.48 -5.76
N GLY B 82 -28.42 31.94 -6.44
CA GLY B 82 -27.96 32.50 -7.70
C GLY B 82 -26.54 32.07 -8.01
N ILE B 83 -25.96 32.77 -8.98
CA ILE B 83 -24.65 32.42 -9.53
C ILE B 83 -23.76 33.65 -9.44
N VAL B 84 -22.65 33.53 -8.71
CA VAL B 84 -21.71 34.65 -8.55
C VAL B 84 -20.89 34.80 -9.82
N PRO B 85 -20.76 36.01 -10.40
CA PRO B 85 -19.97 36.16 -11.64
C PRO B 85 -18.52 35.76 -11.51
N ILE B 86 -17.99 35.15 -12.57
CA ILE B 86 -16.66 34.56 -12.57
C ILE B 86 -15.58 35.60 -12.25
N ASN B 87 -15.81 36.87 -12.56
CA ASN B 87 -14.79 37.91 -12.36
C ASN B 87 -15.05 38.80 -11.16
N HIS B 88 -15.99 38.43 -10.30
CA HIS B 88 -16.32 39.31 -9.16
C HIS B 88 -15.10 39.54 -8.27
N GLY B 89 -14.94 40.72 -7.70
CA GLY B 89 -13.89 40.96 -6.72
C GLY B 89 -13.92 40.03 -5.49
N VAL B 90 -12.82 39.96 -4.79
CA VAL B 90 -12.80 39.07 -3.62
C VAL B 90 -12.12 39.82 -2.47
N GLY B 91 -12.14 41.13 -2.54
CA GLY B 91 -11.50 41.93 -1.48
C GLY B 91 -12.35 42.07 -0.23
N PRO B 92 -11.90 42.80 0.80
CA PRO B 92 -12.68 42.96 1.99
C PRO B 92 -14.03 43.64 1.72
N GLY B 93 -14.15 44.41 0.66
CA GLY B 93 -15.41 45.06 0.38
C GLY B 93 -16.34 44.31 -0.54
N ASP B 94 -16.01 43.06 -0.89
CA ASP B 94 -16.85 42.20 -1.78
C ASP B 94 -17.85 41.36 -0.94
N ARG B 95 -18.84 42.07 -0.39
CA ARG B 95 -19.87 41.52 0.50
C ARG B 95 -21.13 42.36 0.34
N TYR B 96 -22.27 41.73 0.58
CA TYR B 96 -23.60 42.35 0.42
C TYR B 96 -24.51 42.03 1.63
N THR B 97 -24.99 43.07 2.27
CA THR B 97 -25.94 42.92 3.37
C THR B 97 -27.35 43.26 2.90
N LYS B 98 -28.23 42.25 2.94
CA LYS B 98 -29.60 42.32 2.42
C LYS B 98 -30.62 41.97 3.49
N TYR B 99 -31.80 42.53 3.37
CA TYR B 99 -32.82 42.56 4.41
C TYR B 99 -34.04 41.73 4.02
N VAL B 100 -34.52 40.90 4.94
CA VAL B 100 -35.66 40.03 4.64
C VAL B 100 -36.85 40.47 5.47
N ARG B 101 -37.99 40.65 4.82
CA ARG B 101 -39.23 40.93 5.51
C ARG B 101 -40.28 39.89 5.16
N ALA B 102 -41.20 39.65 6.10
CA ALA B 102 -42.36 38.81 5.87
C ALA B 102 -43.61 39.52 6.35
N GLU B 103 -44.75 39.16 5.77
CA GLU B 103 -46.02 39.78 6.10
C GLU B 103 -47.12 38.71 6.16
N ASP B 104 -47.84 38.65 7.29
CA ASP B 104 -48.83 37.61 7.48
C ASP B 104 -50.13 37.99 6.79
N ALA B 105 -51.16 37.18 6.90
CA ALA B 105 -52.38 37.51 6.14
C ALA B 105 -53.11 38.76 6.65
N ALA B 106 -52.92 39.12 7.91
CA ALA B 106 -53.59 40.30 8.48
C ALA B 106 -52.82 41.61 8.21
N GLY B 107 -51.72 41.58 7.47
CA GLY B 107 -51.06 42.88 7.19
C GLY B 107 -49.95 43.31 8.15
N ASN B 108 -49.58 42.45 9.09
CA ASN B 108 -48.45 42.73 10.02
C ASN B 108 -47.14 42.38 9.31
N ILE B 109 -46.36 43.42 9.02
CA ILE B 109 -45.05 43.23 8.35
C ILE B 109 -43.93 43.50 9.33
N THR B 110 -42.87 42.71 9.25
CA THR B 110 -41.68 42.88 10.09
C THR B 110 -41.00 44.22 9.83
N ALA B 111 -40.54 44.86 10.89
CA ALA B 111 -39.87 46.16 10.80
C ALA B 111 -38.53 46.07 10.07
N LEU B 112 -38.18 47.11 9.32
CA LEU B 112 -36.89 47.22 8.61
C LEU B 112 -36.02 48.19 9.39
N VAL B 113 -34.92 47.74 9.97
CA VAL B 113 -34.04 48.61 10.76
C VAL B 113 -32.59 48.38 10.37
N ASP B 114 -31.95 49.45 9.87
CA ASP B 114 -30.58 49.40 9.38
C ASP B 114 -29.67 48.73 10.40
N LYS B 115 -28.92 47.74 9.93
CA LYS B 115 -27.98 46.93 10.70
C LYS B 115 -28.61 46.25 11.92
N GLN B 116 -29.98 46.12 11.99
CA GLN B 116 -30.57 45.55 13.18
C GLN B 116 -31.67 44.51 12.95
N SER B 117 -32.49 44.63 11.90
CA SER B 117 -33.60 43.71 11.67
C SER B 117 -33.10 42.50 10.90
N GLU B 118 -34.03 41.59 10.55
CA GLU B 118 -33.66 40.33 9.90
C GLU B 118 -32.90 40.57 8.60
N ARG B 119 -31.67 40.07 8.55
CA ARG B 119 -30.80 40.33 7.41
C ARG B 119 -29.77 39.20 7.33
N PHE B 120 -29.17 39.04 6.14
CA PHE B 120 -28.01 38.17 5.97
C PHE B 120 -26.89 38.93 5.27
N VAL B 121 -25.66 38.47 5.49
CA VAL B 121 -24.49 38.99 4.79
C VAL B 121 -23.97 37.92 3.82
N LEU B 122 -24.00 38.23 2.53
CA LEU B 122 -23.45 37.37 1.49
C LEU B 122 -22.00 37.76 1.20
N VAL B 123 -21.05 36.86 1.47
CA VAL B 123 -19.62 37.18 1.36
C VAL B 123 -19.02 36.40 0.20
N ILE B 124 -18.31 37.09 -0.68
CA ILE B 124 -17.79 36.50 -1.91
C ILE B 124 -16.34 36.10 -1.69
N ARG B 125 -16.02 34.83 -1.89
CA ARG B 125 -14.68 34.36 -1.58
C ARG B 125 -14.13 33.58 -2.77
N PRO B 126 -12.82 33.62 -2.97
CA PRO B 126 -12.22 32.87 -4.07
C PRO B 126 -12.42 31.38 -3.90
N GLN B 127 -12.47 30.68 -5.04
CA GLN B 127 -12.70 29.23 -5.03
C GLN B 127 -11.61 28.49 -4.27
N THR B 128 -10.38 29.02 -4.25
CA THR B 128 -9.31 28.29 -3.60
C THR B 128 -9.52 28.16 -2.11
N GLU B 129 -10.34 29.02 -1.54
CA GLU B 129 -10.66 28.96 -0.09
C GLU B 129 -11.66 27.85 0.22
N LYS B 130 -12.35 27.34 -0.79
CA LYS B 130 -13.29 26.21 -0.62
C LYS B 130 -12.54 24.90 -0.89
N TYR B 131 -11.40 24.96 -1.54
CA TYR B 131 -10.73 23.70 -1.92
C TYR B 131 -9.35 23.53 -1.27
N THR B 132 -9.10 22.30 -0.86
CA THR B 132 -7.82 21.87 -0.25
C THR B 132 -7.40 20.62 -1.03
N PRO B 133 -6.42 20.70 -1.93
CA PRO B 133 -6.04 19.59 -2.73
C PRO B 133 -5.39 18.50 -1.89
N GLN B 134 -5.57 17.28 -2.33
CA GLN B 134 -4.92 16.18 -1.62
C GLN B 134 -3.64 15.82 -2.38
N VAL B 135 -2.62 15.44 -1.63
CA VAL B 135 -1.33 15.02 -2.20
C VAL B 135 -1.58 13.77 -3.02
N PRO B 136 -0.90 13.57 -4.17
CA PRO B 136 -1.08 12.36 -4.92
C PRO B 136 -0.03 11.33 -4.49
N THR B 137 0.03 10.23 -5.22
CA THR B 137 1.11 9.26 -4.99
C THR B 137 2.31 9.84 -5.75
N LEU B 138 3.49 9.72 -5.17
CA LEU B 138 4.70 10.24 -5.79
C LEU B 138 4.96 9.57 -7.12
N THR B 139 5.41 10.37 -8.07
CA THR B 139 5.87 9.89 -9.37
C THR B 139 7.40 9.90 -9.35
N TYR B 140 7.98 8.76 -9.67
CA TYR B 140 9.46 8.68 -9.72
C TYR B 140 9.88 9.08 -11.10
N VAL B 141 10.90 9.88 -11.20
CA VAL B 141 11.39 10.41 -12.50
C VAL B 141 12.92 10.27 -12.61
N GLN B 142 13.44 10.48 -13.81
CA GLN B 142 14.89 10.43 -14.09
C GLN B 142 15.52 11.64 -13.40
N ASN B 143 15.00 12.84 -13.60
CA ASN B 143 15.56 14.01 -12.91
C ASN B 143 14.46 14.91 -12.33
N ALA B 144 14.31 14.89 -11.01
CA ALA B 144 13.30 15.72 -10.34
C ALA B 144 13.62 17.23 -10.48
N ASN B 145 14.73 17.60 -11.14
CA ASN B 145 15.13 18.98 -11.41
C ASN B 145 14.83 19.41 -12.85
N SER B 146 14.57 18.45 -13.75
CA SER B 146 14.23 18.76 -15.13
C SER B 146 13.24 17.76 -15.65
N LEU B 147 11.96 17.97 -15.36
CA LEU B 147 10.92 16.99 -15.75
C LEU B 147 10.72 17.05 -17.25
N THR B 148 10.44 15.91 -17.85
CA THR B 148 10.06 15.90 -19.28
C THR B 148 8.54 16.01 -19.36
N GLN B 149 8.01 16.11 -20.57
CA GLN B 149 6.56 16.26 -20.72
C GLN B 149 5.88 14.97 -20.26
N THR B 150 6.46 13.83 -20.59
CA THR B 150 5.86 12.58 -20.12
C THR B 150 5.79 12.59 -18.59
N ASP B 151 6.82 13.13 -17.95
CA ASP B 151 6.82 13.26 -16.50
C ASP B 151 5.72 14.22 -16.05
N LYS B 152 5.67 15.41 -16.65
CA LYS B 152 4.63 16.37 -16.29
C LYS B 152 3.24 15.75 -16.46
N ASP B 153 3.01 15.06 -17.57
CA ASP B 153 1.67 14.48 -17.79
C ASP B 153 1.31 13.47 -16.71
N ALA B 154 2.29 12.68 -16.24
CA ALA B 154 2.03 11.68 -15.21
C ALA B 154 1.71 12.31 -13.87
N VAL B 155 2.39 13.39 -13.49
CA VAL B 155 2.06 14.04 -12.23
C VAL B 155 0.64 14.59 -12.27
N ILE B 156 0.25 15.18 -13.40
CA ILE B 156 -1.11 15.70 -13.55
C ILE B 156 -2.13 14.57 -13.38
N ALA B 157 -1.95 13.47 -14.12
CA ALA B 157 -2.84 12.33 -13.95
C ALA B 157 -2.92 11.88 -12.50
N ALA B 158 -1.79 11.88 -11.77
CA ALA B 158 -1.82 11.47 -10.37
C ALA B 158 -2.52 12.50 -9.50
N VAL B 159 -2.42 13.78 -9.82
CA VAL B 159 -3.13 14.78 -8.99
C VAL B 159 -4.61 14.63 -9.31
N LYS B 160 -4.97 14.48 -10.57
CA LYS B 160 -6.39 14.32 -10.93
C LYS B 160 -6.97 13.09 -10.24
N SER B 161 -6.26 11.98 -10.22
CA SER B 161 -6.82 10.76 -9.59
C SER B 161 -7.05 10.94 -8.09
N ALA B 162 -6.23 11.72 -7.41
CA ALA B 162 -6.42 11.94 -5.96
C ALA B 162 -7.40 13.10 -5.67
N ASN B 163 -7.91 13.83 -6.66
CA ASN B 163 -8.75 15.00 -6.33
C ASN B 163 -10.04 15.01 -7.12
N PRO B 164 -10.95 14.06 -6.88
CA PRO B 164 -12.18 13.99 -7.62
C PRO B 164 -13.16 15.12 -7.31
N ASN B 165 -13.08 15.68 -6.11
CA ASN B 165 -14.03 16.72 -5.65
C ASN B 165 -13.53 18.12 -6.00
N LEU B 166 -12.40 18.24 -6.69
CA LEU B 166 -11.95 19.57 -7.13
C LEU B 166 -12.80 19.89 -8.33
N PRO B 167 -13.10 21.25 -8.85
CA PRO B 167 -13.89 21.62 -10.03
C PRO B 167 -13.35 20.97 -11.29
N ALA B 168 -14.26 20.50 -12.15
CA ALA B 168 -13.86 19.70 -13.30
C ALA B 168 -13.30 20.55 -14.41
N THR B 169 -13.46 21.86 -14.32
CA THR B 169 -12.87 22.76 -15.28
C THR B 169 -11.61 23.44 -14.75
N SER B 170 -11.04 22.95 -13.64
CA SER B 170 -9.76 23.47 -13.19
C SER B 170 -8.67 23.10 -14.20
N THR B 171 -7.55 23.78 -14.10
CA THR B 171 -6.40 23.43 -14.92
C THR B 171 -5.19 23.18 -14.03
N TYR B 172 -4.22 22.46 -14.61
CA TYR B 172 -3.04 21.98 -13.89
C TYR B 172 -1.81 22.32 -14.71
N SER B 173 -0.83 22.92 -14.05
CA SER B 173 0.47 23.21 -14.60
C SER B 173 1.53 22.57 -13.71
N VAL B 174 2.63 22.09 -14.30
CA VAL B 174 3.77 21.53 -13.58
C VAL B 174 5.04 22.27 -13.98
N SER B 175 5.83 22.59 -12.98
CA SER B 175 7.08 23.33 -13.20
C SER B 175 8.20 22.37 -13.55
N GLU B 176 9.38 22.90 -13.83
CA GLU B 176 10.51 22.01 -14.16
C GLU B 176 10.93 21.18 -12.96
N ASN B 177 10.69 21.59 -11.72
CA ASN B 177 11.11 20.79 -10.56
C ASN B 177 9.94 19.95 -10.02
N GLY B 178 8.83 19.91 -10.73
CA GLY B 178 7.66 19.14 -10.28
C GLY B 178 6.72 19.88 -9.36
N THR B 179 6.80 21.21 -9.27
CA THR B 179 5.81 21.96 -8.44
C THR B 179 4.51 22.05 -9.23
N VAL B 180 3.41 21.70 -8.63
CA VAL B 180 2.10 21.59 -9.30
C VAL B 180 1.29 22.84 -8.98
N THR B 181 0.86 23.55 -10.00
CA THR B 181 -0.03 24.69 -9.81
C THR B 181 -1.43 24.32 -10.30
N ILE B 182 -2.40 24.42 -9.40
CA ILE B 182 -3.81 24.20 -9.71
C ILE B 182 -4.47 25.56 -9.86
N THR B 183 -5.05 25.79 -11.03
CA THR B 183 -5.81 27.00 -11.30
C THR B 183 -7.30 26.66 -11.35
N TYR B 184 -8.06 27.21 -10.41
CA TYR B 184 -9.50 27.03 -10.38
C TYR B 184 -10.17 27.94 -11.41
N PRO B 185 -11.41 27.64 -11.79
CA PRO B 185 -12.09 28.44 -12.85
C PRO B 185 -12.12 29.93 -12.58
N ASP B 186 -12.04 30.37 -11.32
CA ASP B 186 -12.05 31.80 -11.06
C ASP B 186 -10.65 32.42 -11.06
N GLY B 187 -9.63 31.66 -11.49
CA GLY B 187 -8.29 32.20 -11.59
C GLY B 187 -7.48 32.18 -10.32
N SER B 188 -8.09 31.83 -9.19
CA SER B 188 -7.36 31.57 -7.96
C SER B 188 -6.65 30.20 -8.04
N THR B 189 -5.63 30.03 -7.17
CA THR B 189 -4.65 28.98 -7.31
C THR B 189 -4.43 28.23 -5.99
N ASP B 190 -3.79 27.13 -6.22
CA ASP B 190 -3.37 26.16 -5.23
C ASP B 190 -2.04 25.55 -5.62
N THR B 191 -1.20 25.31 -4.65
CA THR B 191 0.14 24.78 -4.94
C THR B 191 0.37 23.44 -4.24
N ILE B 192 0.89 22.47 -4.97
CA ILE B 192 1.36 21.20 -4.36
C ILE B 192 2.87 21.23 -4.49
N ALA B 193 3.60 21.19 -3.38
CA ALA B 193 5.07 21.26 -3.40
C ALA B 193 5.71 20.04 -4.09
N ALA B 194 6.89 20.26 -4.65
CA ALA B 194 7.67 19.26 -5.42
C ALA B 194 7.96 18.03 -4.59
N ALA B 195 8.21 18.22 -3.29
CA ALA B 195 8.48 17.15 -2.32
C ALA B 195 7.34 16.15 -2.27
N GLN B 196 6.09 16.57 -2.45
CA GLN B 196 4.98 15.60 -2.42
C GLN B 196 4.65 15.05 -3.81
N THR B 197 5.21 15.60 -4.89
CA THR B 197 4.80 15.13 -6.22
C THR B 197 5.81 14.19 -6.88
N VAL B 198 7.09 14.50 -6.78
CA VAL B 198 8.10 13.70 -7.52
C VAL B 198 9.32 13.40 -6.64
N ASP B 199 10.19 12.55 -7.16
CA ASP B 199 11.48 12.24 -6.57
C ASP B 199 12.31 11.53 -7.61
N THR B 200 13.63 11.77 -7.59
CA THR B 200 14.53 11.20 -8.57
C THR B 200 14.68 9.70 -8.33
N ASP B 201 14.42 8.90 -9.36
CA ASP B 201 14.66 7.47 -9.26
C ASP B 201 16.16 7.24 -9.21
N ARG B 202 16.64 6.70 -8.12
CA ARG B 202 18.08 6.42 -8.01
C ARG B 202 18.34 4.96 -7.60
N VAL B 203 17.36 4.07 -7.67
CA VAL B 203 17.53 2.66 -7.34
C VAL B 203 16.95 1.78 -8.46
N ALA B 204 17.76 0.84 -8.96
CA ALA B 204 17.43 -0.06 -10.07
C ALA B 204 16.50 -1.18 -9.61
N PRO B 205 15.83 -1.87 -10.55
CA PRO B 205 14.84 -2.89 -10.16
C PRO B 205 15.46 -4.09 -9.46
N VAL B 206 14.61 -4.81 -8.72
CA VAL B 206 14.99 -5.99 -7.96
C VAL B 206 14.43 -7.22 -8.65
N PHE B 207 15.26 -8.27 -8.76
CA PHE B 207 14.87 -9.57 -9.29
C PHE B 207 14.62 -10.51 -8.11
N VAL B 208 13.36 -10.76 -7.78
CA VAL B 208 13.06 -11.57 -6.58
C VAL B 208 13.69 -12.98 -6.62
N ASP B 209 13.75 -13.65 -7.75
CA ASP B 209 14.24 -15.05 -7.84
C ASP B 209 15.75 -15.14 -8.11
N GLU B 210 16.52 -14.23 -7.57
CA GLU B 210 17.99 -14.24 -7.72
C GLU B 210 18.57 -15.53 -7.16
N GLY B 211 19.37 -16.22 -7.96
CA GLY B 211 19.99 -17.53 -7.62
C GLY B 211 18.97 -18.67 -7.55
N ARG B 212 17.77 -18.53 -8.10
CA ARG B 212 16.82 -19.64 -7.98
C ARG B 212 17.15 -20.71 -9.00
N ASP B 213 16.83 -21.93 -8.59
CA ASP B 213 16.96 -23.15 -9.41
C ASP B 213 15.54 -23.62 -9.76
N TYR B 214 15.28 -23.68 -11.05
CA TYR B 214 14.03 -24.11 -11.67
C TYR B 214 14.27 -25.50 -12.24
N ILE B 215 13.50 -26.47 -11.78
CA ILE B 215 13.66 -27.87 -12.18
C ILE B 215 12.83 -28.13 -13.42
N PHE B 216 13.49 -28.39 -14.56
CA PHE B 216 12.84 -28.85 -15.80
C PHE B 216 13.14 -30.32 -16.04
N TYR B 217 12.09 -31.15 -16.06
CA TYR B 217 12.19 -32.58 -16.34
C TYR B 217 12.28 -32.85 -17.83
N ARG B 218 13.29 -33.63 -18.23
CA ARG B 218 13.51 -33.93 -19.65
C ARG B 218 12.34 -34.68 -20.27
N GLY B 219 11.96 -34.28 -21.50
CA GLY B 219 10.80 -34.83 -22.17
C GLY B 219 9.45 -34.28 -21.72
N GLU B 220 9.41 -33.38 -20.75
CA GLU B 220 8.15 -32.82 -20.29
C GLU B 220 8.21 -31.30 -20.30
N GLU B 221 7.13 -30.68 -20.77
CA GLU B 221 7.07 -29.23 -20.77
C GLU B 221 7.01 -28.74 -19.35
N GLY B 222 7.84 -27.74 -19.05
CA GLY B 222 7.86 -27.11 -17.75
C GLY B 222 7.72 -25.60 -17.90
N THR B 223 7.43 -24.96 -16.77
CA THR B 223 7.34 -23.52 -16.76
C THR B 223 8.12 -22.96 -15.58
N ALA B 224 8.79 -21.83 -15.83
CA ALA B 224 9.50 -21.09 -14.82
C ALA B 224 8.88 -19.70 -14.73
N GLU B 225 8.50 -19.29 -13.51
CA GLU B 225 7.93 -17.96 -13.27
C GLU B 225 8.97 -17.09 -12.57
N LEU B 226 9.45 -16.07 -13.28
CA LEU B 226 10.38 -15.09 -12.73
C LEU B 226 9.64 -13.81 -12.35
N HIS B 227 10.04 -13.22 -11.23
CA HIS B 227 9.40 -12.03 -10.65
C HIS B 227 10.40 -10.88 -10.43
N PHE B 228 10.04 -9.70 -10.87
CA PHE B 228 10.91 -8.52 -10.75
C PHE B 228 10.06 -7.36 -10.28
N TYR B 229 10.66 -6.44 -9.55
CA TYR B 229 9.91 -5.26 -9.09
C TYR B 229 10.84 -4.08 -9.01
N ASP B 230 10.27 -2.90 -8.91
CA ASP B 230 11.05 -1.64 -8.88
C ASP B 230 10.38 -0.67 -7.90
N ASN B 231 11.14 0.30 -7.39
CA ASN B 231 10.57 1.30 -6.43
C ASN B 231 9.65 2.27 -7.18
N SER B 232 9.88 2.55 -8.46
CA SER B 232 8.91 3.30 -9.25
C SER B 232 7.63 2.52 -9.51
N GLY B 233 7.65 1.20 -9.26
CA GLY B 233 6.57 0.32 -9.64
C GLY B 233 6.44 0.11 -11.13
N LYS B 234 7.43 0.55 -11.91
CA LYS B 234 7.41 0.40 -13.35
C LYS B 234 8.74 -0.18 -13.84
N ILE B 235 8.66 -1.21 -14.65
CA ILE B 235 9.79 -1.76 -15.37
C ILE B 235 9.46 -1.74 -16.85
N THR B 236 10.41 -1.25 -17.66
CA THR B 236 10.18 -1.14 -19.10
C THR B 236 10.90 -2.20 -19.90
N ASN B 237 11.88 -2.89 -19.34
CA ASN B 237 12.69 -3.80 -20.15
C ASN B 237 13.28 -4.91 -19.29
N VAL B 238 13.04 -6.15 -19.68
CA VAL B 238 13.72 -7.32 -19.16
C VAL B 238 14.65 -7.83 -20.25
N ASN B 239 15.93 -7.97 -19.96
CA ASN B 239 16.91 -8.34 -21.02
C ASN B 239 17.78 -9.53 -20.58
N PHE B 240 17.70 -10.64 -21.30
CA PHE B 240 18.47 -11.85 -20.96
C PHE B 240 19.76 -11.93 -21.77
N ALA B 241 20.04 -10.94 -22.61
CA ALA B 241 21.27 -10.93 -23.44
C ALA B 241 22.12 -9.67 -23.25
N GLY B 242 22.61 -9.42 -22.03
CA GLY B 242 23.40 -8.23 -21.71
C GLY B 242 24.82 -8.31 -22.23
N ASP B 243 25.47 -9.45 -22.04
CA ASP B 243 26.84 -9.73 -22.54
C ASP B 243 26.83 -10.98 -23.39
N LEU B 244 27.98 -11.32 -23.97
CA LEU B 244 28.10 -12.48 -24.88
C LEU B 244 27.73 -13.76 -24.16
N ALA B 245 28.25 -13.99 -22.97
CA ALA B 245 27.91 -15.23 -22.28
C ALA B 245 26.39 -15.32 -22.03
N ALA B 246 25.79 -14.29 -21.45
CA ALA B 246 24.34 -14.35 -21.13
C ALA B 246 23.54 -14.50 -22.41
N SER B 247 23.96 -13.88 -23.48
CA SER B 247 23.22 -13.91 -24.75
C SER B 247 23.39 -15.28 -25.42
N SER B 248 24.51 -15.95 -25.19
CA SER B 248 24.65 -17.29 -25.77
C SER B 248 23.68 -18.27 -25.11
N THR B 249 23.60 -18.30 -23.79
CA THR B 249 22.65 -19.24 -23.16
C THR B 249 21.20 -18.91 -23.58
N TYR B 250 20.83 -17.63 -23.64
CA TYR B 250 19.47 -17.19 -24.05
C TYR B 250 19.18 -17.67 -25.47
N ASN B 251 20.14 -17.58 -26.37
CA ASN B 251 19.95 -18.00 -27.78
C ASN B 251 19.90 -19.54 -27.89
N THR B 252 20.52 -20.24 -26.95
CA THR B 252 20.49 -21.70 -26.90
C THR B 252 19.06 -22.09 -26.51
N LEU B 253 18.55 -21.54 -25.42
CA LEU B 253 17.19 -21.81 -24.94
C LEU B 253 16.15 -21.51 -26.03
N LEU B 254 16.26 -20.39 -26.71
CA LEU B 254 15.33 -20.08 -27.79
C LEU B 254 15.40 -21.15 -28.89
N GLY B 255 16.59 -21.72 -29.10
CA GLY B 255 16.72 -22.68 -30.16
C GLY B 255 16.18 -24.06 -29.83
N LEU B 256 16.07 -24.38 -28.55
CA LEU B 256 15.26 -25.49 -28.07
C LEU B 256 13.75 -25.22 -28.22
N GLY B 257 13.33 -24.04 -28.67
CA GLY B 257 11.92 -23.74 -28.80
C GLY B 257 11.24 -23.16 -27.57
N PHE B 258 12.00 -22.77 -26.55
CA PHE B 258 11.40 -22.10 -25.41
C PHE B 258 10.81 -20.75 -25.82
N THR B 259 9.85 -20.31 -25.03
CA THR B 259 9.25 -18.96 -25.19
C THR B 259 9.44 -18.16 -23.91
N PHE B 260 9.53 -16.86 -24.08
CA PHE B 260 9.64 -15.88 -22.98
C PHE B 260 8.52 -14.86 -23.15
N ASN B 261 7.59 -14.83 -22.23
CA ASN B 261 6.50 -13.85 -22.40
C ASN B 261 6.39 -12.99 -21.14
N THR B 262 6.40 -11.68 -21.31
CA THR B 262 6.22 -10.74 -20.18
C THR B 262 5.01 -9.89 -20.55
N PRO B 263 3.80 -10.40 -20.31
CA PRO B 263 2.59 -9.74 -20.76
C PRO B 263 2.28 -8.31 -20.30
N ASN B 264 2.79 -7.88 -19.16
CA ASN B 264 2.47 -6.49 -18.80
C ASN B 264 3.71 -5.60 -18.96
N ILE B 265 4.67 -5.99 -19.76
CA ILE B 265 5.89 -5.15 -19.86
C ILE B 265 5.57 -3.76 -20.40
N ASN B 266 4.45 -3.59 -21.05
CA ASN B 266 4.18 -2.28 -21.67
C ASN B 266 3.16 -1.50 -20.87
N ASN B 267 2.67 -2.04 -19.78
CA ASN B 267 1.63 -1.38 -18.97
C ASN B 267 2.18 -0.58 -17.78
N PRO B 268 1.46 0.46 -17.32
CA PRO B 268 1.83 1.21 -16.14
C PRO B 268 1.64 0.37 -14.89
N ASN B 269 2.39 0.71 -13.86
CA ASN B 269 2.34 0.09 -12.54
C ASN B 269 2.49 -1.43 -12.59
N ASN B 270 3.26 -1.93 -13.55
CA ASN B 270 3.43 -3.36 -13.82
C ASN B 270 4.40 -4.07 -12.87
N ALA B 271 5.00 -3.35 -11.93
CA ALA B 271 6.05 -4.00 -11.14
C ALA B 271 6.20 -3.49 -9.72
N THR B 272 5.22 -3.76 -8.87
CA THR B 272 5.27 -3.35 -7.47
C THR B 272 5.66 -4.56 -6.62
N GLU B 273 6.08 -4.33 -5.39
CA GLU B 273 6.47 -5.48 -4.55
C GLU B 273 5.30 -6.42 -4.36
N GLN B 274 4.08 -5.90 -4.26
CA GLN B 274 2.94 -6.79 -4.01
C GLN B 274 2.44 -7.46 -5.28
N ASN B 275 2.54 -6.81 -6.43
CA ASN B 275 2.09 -7.38 -7.73
C ASN B 275 3.24 -7.25 -8.71
N PRO B 276 4.32 -8.02 -8.52
CA PRO B 276 5.49 -7.92 -9.36
C PRO B 276 5.32 -8.35 -10.82
N LEU B 277 6.24 -7.90 -11.65
CA LEU B 277 6.22 -8.22 -13.09
C LEU B 277 6.69 -9.66 -13.30
N VAL B 278 5.84 -10.45 -13.91
CA VAL B 278 6.13 -11.87 -14.11
C VAL B 278 6.56 -12.12 -15.56
N THR B 279 7.76 -12.69 -15.72
CA THR B 279 8.21 -13.31 -16.96
C THR B 279 8.02 -14.82 -16.85
N THR B 280 7.37 -15.43 -17.83
CA THR B 280 7.18 -16.88 -17.83
C THR B 280 8.04 -17.52 -18.92
N ILE B 281 8.91 -18.45 -18.52
CA ILE B 281 9.75 -19.19 -19.45
C ILE B 281 9.12 -20.58 -19.66
N ARG B 282 8.78 -20.87 -20.89
CA ARG B 282 8.04 -22.10 -21.23
C ARG B 282 8.77 -22.96 -22.27
N GLY B 283 8.91 -24.23 -21.95
CA GLY B 283 9.54 -25.12 -22.91
C GLY B 283 9.82 -26.49 -22.35
N THR B 284 10.43 -27.29 -23.21
CA THR B 284 10.75 -28.70 -22.97
C THR B 284 12.24 -28.87 -23.19
N ILE B 285 12.95 -29.27 -22.15
CA ILE B 285 14.33 -29.72 -22.33
C ILE B 285 14.21 -31.09 -22.99
N PRO B 286 14.70 -31.27 -24.21
CA PRO B 286 14.60 -32.57 -24.87
C PRO B 286 15.61 -33.54 -24.30
N LYS B 287 15.33 -34.84 -24.48
CA LYS B 287 16.12 -35.87 -23.83
C LYS B 287 17.56 -35.91 -24.32
N SER B 288 17.80 -35.35 -25.49
CA SER B 288 19.14 -35.38 -26.12
C SER B 288 20.17 -34.65 -25.26
N LEU B 289 19.72 -33.86 -24.30
CA LEU B 289 20.63 -33.17 -23.38
C LEU B 289 20.64 -33.99 -22.10
N PRO B 290 21.76 -34.61 -21.68
CA PRO B 290 21.78 -35.37 -20.46
C PRO B 290 21.69 -34.50 -19.22
N ALA B 291 21.27 -35.13 -18.13
CA ALA B 291 21.14 -34.49 -16.82
C ALA B 291 22.32 -34.88 -15.95
N GLY B 292 22.48 -34.15 -14.84
CA GLY B 292 23.54 -34.40 -13.83
C GLY B 292 24.37 -33.16 -13.58
N PRO B 293 25.71 -33.31 -13.49
CA PRO B 293 26.64 -32.20 -13.32
C PRO B 293 26.60 -31.10 -14.39
N GLY B 294 26.54 -31.48 -15.65
CA GLY B 294 26.54 -30.42 -16.67
C GLY B 294 25.14 -30.12 -17.17
N GLY B 295 24.10 -30.66 -16.53
CA GLY B 295 22.77 -30.44 -17.06
C GLY B 295 22.07 -29.22 -16.50
N LYS B 296 22.66 -28.10 -16.79
CA LYS B 296 22.15 -26.87 -16.18
C LYS B 296 22.33 -25.67 -17.11
N TYR B 297 21.37 -24.76 -17.01
CA TYR B 297 21.49 -23.50 -17.71
C TYR B 297 21.51 -22.40 -16.65
N THR B 298 22.47 -21.50 -16.78
CA THR B 298 22.68 -20.41 -15.83
C THR B 298 22.51 -19.10 -16.58
N PHE B 299 21.45 -18.37 -16.29
CA PHE B 299 21.19 -17.16 -17.06
C PHE B 299 21.58 -15.93 -16.24
N LYS B 300 21.98 -14.93 -16.99
CA LYS B 300 22.25 -13.57 -16.49
C LYS B 300 21.12 -12.70 -17.04
N VAL B 301 20.31 -12.10 -16.17
CA VAL B 301 19.17 -11.25 -16.60
C VAL B 301 19.32 -9.82 -16.04
N ARG B 302 18.85 -8.80 -16.77
CA ARG B 302 18.82 -7.42 -16.24
C ARG B 302 17.47 -6.78 -16.55
N ALA B 303 17.05 -5.83 -15.71
CA ALA B 303 15.81 -5.08 -15.75
C ALA B 303 16.16 -3.61 -15.70
N THR B 304 15.41 -2.79 -16.43
CA THR B 304 15.60 -1.36 -16.37
C THR B 304 14.27 -0.67 -16.09
N ASP B 305 14.29 0.38 -15.26
CA ASP B 305 13.06 1.09 -15.02
C ASP B 305 12.87 2.17 -16.09
N ALA B 306 11.71 2.82 -16.04
CA ALA B 306 11.42 3.88 -17.01
C ALA B 306 12.47 4.98 -16.99
N SER B 307 13.04 5.28 -15.84
CA SER B 307 14.04 6.37 -15.70
C SER B 307 15.40 6.04 -16.31
N GLY B 308 15.64 4.79 -16.66
CA GLY B 308 16.90 4.39 -17.33
C GLY B 308 17.87 3.60 -16.49
N LEU B 309 17.55 3.31 -15.24
CA LEU B 309 18.50 2.60 -14.38
C LEU B 309 18.46 1.11 -14.70
N THR B 310 19.58 0.55 -15.13
CA THR B 310 19.67 -0.88 -15.45
C THR B 310 20.32 -1.58 -14.27
N SER B 311 19.78 -2.69 -13.82
CA SER B 311 20.46 -3.40 -12.71
C SER B 311 21.69 -4.20 -13.16
N GLU B 312 22.44 -4.76 -12.22
CA GLU B 312 23.52 -5.65 -12.73
C GLU B 312 22.97 -7.08 -12.85
N ALA B 313 23.47 -7.79 -13.86
CA ALA B 313 23.11 -9.17 -14.19
C ALA B 313 23.00 -10.02 -12.92
N LYS B 314 21.85 -10.62 -12.74
CA LYS B 314 21.58 -11.49 -11.59
C LYS B 314 21.45 -12.92 -12.13
N ILE B 315 21.72 -13.89 -11.29
CA ILE B 315 21.74 -15.31 -11.74
C ILE B 315 20.43 -16.01 -11.42
N PHE B 316 20.07 -16.94 -12.30
CA PHE B 316 18.98 -17.91 -12.08
C PHE B 316 19.33 -19.16 -12.88
N ARG B 317 18.88 -20.31 -12.41
CA ARG B 317 19.23 -21.49 -13.17
C ARG B 317 18.02 -22.36 -13.49
N ILE B 318 18.07 -22.97 -14.68
CA ILE B 318 17.26 -24.13 -15.03
C ILE B 318 18.14 -25.36 -14.87
N VAL B 319 17.69 -26.32 -14.06
CA VAL B 319 18.48 -27.52 -13.78
C VAL B 319 17.71 -28.72 -14.30
N PHE B 320 18.40 -29.59 -15.04
CA PHE B 320 17.70 -30.71 -15.66
C PHE B 320 17.55 -31.85 -14.68
N ALA B 321 16.45 -32.56 -14.83
CA ALA B 321 16.13 -33.71 -14.01
C ALA B 321 15.66 -34.85 -14.89
N ASN B 322 15.83 -36.06 -14.38
CA ASN B 322 15.26 -37.23 -15.01
C ASN B 322 13.81 -37.40 -14.55
N GLN B 323 12.97 -37.91 -15.46
CA GLN B 323 11.56 -38.13 -15.11
C GLN B 323 11.37 -39.06 -13.93
N THR B 324 12.25 -40.06 -13.77
CA THR B 324 12.15 -40.99 -12.65
C THR B 324 12.14 -40.27 -11.30
N ASP B 325 12.78 -39.10 -11.22
CA ASP B 325 12.71 -38.27 -10.01
C ASP B 325 11.29 -37.89 -9.66
N LYS B 326 10.40 -37.80 -10.64
CA LYS B 326 9.06 -37.34 -10.38
C LYS B 326 8.06 -38.46 -10.17
N TYR B 327 8.39 -39.70 -10.58
CA TYR B 327 7.43 -40.79 -10.62
C TYR B 327 7.84 -41.94 -9.71
N THR B 328 6.84 -42.46 -8.99
CA THR B 328 6.94 -43.72 -8.25
C THR B 328 5.91 -44.73 -8.73
N PRO B 329 6.33 -45.87 -9.27
CA PRO B 329 5.37 -46.88 -9.76
C PRO B 329 4.43 -47.41 -8.68
N ASN B 330 3.19 -47.72 -9.07
CA ASN B 330 2.39 -48.56 -8.19
C ASN B 330 2.62 -50.04 -8.49
N ASN B 331 2.45 -50.86 -7.45
CA ASN B 331 2.54 -52.30 -7.56
C ASN B 331 1.27 -52.88 -8.18
N PRO B 332 1.38 -54.02 -8.86
CA PRO B 332 0.20 -54.65 -9.49
C PRO B 332 -0.82 -55.12 -8.46
N GLY B 333 -2.07 -55.25 -8.92
CA GLY B 333 -3.17 -55.55 -8.03
C GLY B 333 -3.29 -57.00 -7.63
N SER B 334 -2.56 -57.89 -8.28
CA SER B 334 -2.41 -59.25 -7.78
C SER B 334 -1.06 -59.76 -8.23
N LEU B 335 -0.61 -60.83 -7.59
CA LEU B 335 0.66 -61.43 -7.98
C LEU B 335 0.42 -62.35 -9.17
N THR B 336 1.51 -62.64 -9.85
CA THR B 336 1.43 -63.59 -10.95
C THR B 336 2.12 -64.89 -10.54
N GLY B 337 1.40 -65.98 -10.67
CA GLY B 337 1.91 -67.32 -10.35
C GLY B 337 3.02 -67.70 -11.28
N VAL B 338 4.17 -68.07 -10.75
CA VAL B 338 5.33 -68.51 -11.56
C VAL B 338 5.79 -69.89 -11.09
N LEU B 339 6.19 -70.71 -12.04
CA LEU B 339 6.63 -72.07 -11.72
C LEU B 339 8.09 -72.05 -11.30
N ASN B 340 8.92 -71.28 -11.96
CA ASN B 340 10.33 -71.19 -11.54
C ASN B 340 10.62 -69.73 -11.27
N PRO B 341 10.71 -69.28 -10.01
CA PRO B 341 11.01 -67.89 -9.70
C PRO B 341 12.34 -67.30 -10.17
N GLN B 342 13.26 -68.10 -10.68
CA GLN B 342 14.54 -67.60 -11.20
C GLN B 342 14.52 -67.47 -12.74
N GLN B 343 13.58 -68.09 -13.46
CA GLN B 343 13.51 -68.01 -14.93
C GLN B 343 12.02 -67.98 -15.26
N LEU B 344 11.51 -66.77 -15.53
CA LEU B 344 10.11 -66.64 -15.90
C LEU B 344 9.91 -67.07 -17.35
N SER B 345 8.74 -67.61 -17.64
CA SER B 345 8.41 -67.91 -19.03
C SER B 345 7.91 -66.65 -19.72
N THR B 346 7.86 -66.71 -21.05
CA THR B 346 7.36 -65.61 -21.83
C THR B 346 5.95 -65.24 -21.42
N SER B 347 5.08 -66.24 -21.23
CA SER B 347 3.70 -65.93 -20.86
C SER B 347 3.61 -65.30 -19.48
N GLU B 348 4.40 -65.78 -18.51
CA GLU B 348 4.37 -65.20 -17.17
C GLU B 348 4.87 -63.74 -17.20
N LYS B 349 5.93 -63.48 -17.96
CA LYS B 349 6.42 -62.12 -18.17
C LYS B 349 5.34 -61.21 -18.74
N THR B 350 4.55 -61.71 -19.68
CA THR B 350 3.55 -60.85 -20.33
C THR B 350 2.35 -60.62 -19.42
N ALA B 351 2.02 -61.60 -18.57
CA ALA B 351 0.99 -61.36 -17.55
C ALA B 351 1.43 -60.25 -16.58
N ILE B 352 2.70 -60.28 -16.16
CA ILE B 352 3.19 -59.28 -15.23
C ILE B 352 3.17 -57.89 -15.87
N GLU B 353 3.65 -57.78 -17.12
CA GLU B 353 3.67 -56.48 -17.76
C GLU B 353 2.26 -55.91 -17.93
N GLU B 354 1.30 -56.77 -18.25
CA GLU B 354 -0.10 -56.35 -18.35
C GLU B 354 -0.62 -55.83 -17.00
N LYS B 355 -0.27 -56.51 -15.92
CA LYS B 355 -0.80 -56.12 -14.62
C LYS B 355 -0.11 -54.88 -14.06
N VAL B 356 1.15 -54.70 -14.37
CA VAL B 356 1.88 -53.50 -13.90
C VAL B 356 1.40 -52.27 -14.68
N ARG B 357 1.18 -52.42 -15.97
CA ARG B 357 0.67 -51.32 -16.79
C ARG B 357 -0.72 -50.92 -16.30
N ALA B 358 -1.59 -51.90 -16.06
CA ALA B 358 -2.96 -51.63 -15.58
C ALA B 358 -2.92 -50.89 -14.25
N ALA B 359 -2.03 -51.27 -13.34
CA ALA B 359 -1.98 -50.62 -12.04
C ALA B 359 -1.40 -49.21 -12.09
N ASN B 360 -0.75 -48.80 -13.19
CA ASN B 360 -0.07 -47.51 -13.23
C ASN B 360 -0.65 -46.55 -14.25
N THR B 361 -1.92 -46.75 -14.65
CA THR B 361 -2.51 -46.00 -15.75
C THR B 361 -2.69 -44.53 -15.42
N GLY B 362 -3.29 -44.22 -14.28
CA GLY B 362 -3.42 -42.82 -13.94
C GLY B 362 -2.24 -42.28 -13.17
N ASN B 363 -1.07 -42.93 -13.29
CA ASN B 363 0.09 -42.56 -12.46
C ASN B 363 1.31 -42.23 -13.30
N LEU B 364 1.88 -43.22 -13.96
CA LEU B 364 3.05 -43.02 -14.84
C LEU B 364 2.61 -42.60 -16.24
N PRO B 365 3.51 -42.06 -17.06
CA PRO B 365 3.18 -41.68 -18.42
C PRO B 365 2.73 -42.89 -19.25
N ASN B 366 1.82 -42.66 -20.18
CA ASN B 366 1.25 -43.72 -21.03
C ASN B 366 2.31 -44.35 -21.94
N ASN B 367 3.36 -43.63 -22.27
CA ASN B 367 4.33 -44.18 -23.20
C ASN B 367 5.54 -44.78 -22.51
N VAL B 368 5.43 -45.11 -21.22
CA VAL B 368 6.50 -45.77 -20.43
C VAL B 368 6.72 -47.20 -20.95
N GLN B 369 7.95 -47.69 -20.89
CA GLN B 369 8.20 -49.07 -21.32
C GLN B 369 8.49 -49.92 -20.09
N TYR B 370 7.94 -51.10 -20.06
CA TYR B 370 8.11 -52.03 -18.93
C TYR B 370 8.87 -53.28 -19.37
N VAL B 371 10.05 -53.51 -18.79
CA VAL B 371 10.86 -54.71 -19.09
C VAL B 371 10.78 -55.69 -17.90
N VAL B 372 10.21 -56.85 -18.11
CA VAL B 372 10.15 -57.88 -17.07
C VAL B 372 11.43 -58.69 -17.15
N ASN B 373 12.14 -58.79 -16.05
CA ASN B 373 13.42 -59.48 -16.06
C ASN B 373 13.23 -60.96 -15.75
N ASN B 374 14.32 -61.72 -15.79
CA ASN B 374 14.18 -63.15 -15.61
C ASN B 374 13.82 -63.51 -14.18
N ASP B 375 14.11 -62.65 -13.21
CA ASP B 375 13.63 -62.91 -11.86
C ASP B 375 12.21 -62.41 -11.62
N GLY B 376 11.58 -61.75 -12.60
CA GLY B 376 10.26 -61.21 -12.40
C GLY B 376 10.23 -59.79 -11.86
N SER B 377 11.37 -59.25 -11.42
CA SER B 377 11.46 -57.81 -11.19
C SER B 377 11.21 -57.08 -12.51
N VAL B 378 10.67 -55.88 -12.40
CA VAL B 378 10.26 -55.11 -13.57
C VAL B 378 11.06 -53.82 -13.60
N THR B 379 11.65 -53.55 -14.74
CA THR B 379 12.37 -52.31 -14.97
C THR B 379 11.40 -51.37 -15.69
N VAL B 380 11.10 -50.25 -15.04
CA VAL B 380 10.28 -49.18 -15.61
C VAL B 380 11.22 -48.22 -16.34
N ILE B 381 11.02 -48.05 -17.65
CA ILE B 381 11.86 -47.18 -18.48
C ILE B 381 11.03 -45.96 -18.90
N TYR B 382 11.46 -44.81 -18.46
CA TYR B 382 10.70 -43.60 -18.77
C TYR B 382 11.09 -43.03 -20.13
N PRO B 383 10.22 -42.23 -20.75
CA PRO B 383 10.43 -41.83 -22.14
C PRO B 383 11.67 -41.00 -22.36
N ASP B 384 12.30 -40.47 -21.31
CA ASP B 384 13.48 -39.64 -21.47
C ASP B 384 14.77 -40.40 -21.25
N ASP B 385 14.68 -41.69 -20.95
CA ASP B 385 15.85 -42.54 -20.77
C ASP B 385 16.75 -42.48 -21.99
N THR B 386 18.02 -42.11 -21.81
CA THR B 386 19.03 -42.17 -22.84
C THR B 386 20.28 -42.83 -22.30
N PRO B 387 21.15 -43.35 -23.16
CA PRO B 387 22.39 -43.94 -22.67
C PRO B 387 23.24 -42.98 -21.85
N ALA B 388 23.13 -41.68 -22.08
CA ALA B 388 23.94 -40.71 -21.33
C ALA B 388 23.19 -40.25 -20.08
N SER B 389 21.89 -40.43 -20.05
CA SER B 389 21.12 -40.04 -18.85
C SER B 389 19.99 -41.06 -18.66
N ARG B 390 20.15 -41.97 -17.71
CA ARG B 390 19.17 -43.06 -17.46
C ARG B 390 18.06 -42.52 -16.59
N SER B 391 16.82 -42.82 -16.95
CA SER B 391 15.63 -42.41 -16.25
C SER B 391 14.83 -43.69 -16.06
N ARG B 392 15.11 -44.40 -14.96
CA ARG B 392 14.48 -45.70 -14.72
C ARG B 392 14.07 -45.92 -13.28
N ASP B 393 13.23 -46.91 -13.10
CA ASP B 393 12.73 -47.36 -11.79
C ASP B 393 12.68 -48.89 -11.80
N THR B 394 12.69 -49.50 -10.63
CA THR B 394 12.67 -50.96 -10.50
C THR B 394 11.62 -51.40 -9.48
N ILE B 395 10.77 -52.32 -9.89
CA ILE B 395 9.76 -53.00 -9.04
C ILE B 395 10.37 -54.39 -8.71
N THR B 396 10.65 -54.64 -7.45
CA THR B 396 11.28 -55.91 -7.02
C THR B 396 10.31 -57.08 -7.13
N ALA B 397 10.85 -58.27 -7.28
CA ALA B 397 10.10 -59.52 -7.48
C ALA B 397 9.10 -59.81 -6.36
N ASP B 398 9.38 -59.37 -5.15
CA ASP B 398 8.42 -59.67 -4.08
C ASP B 398 7.08 -58.99 -4.32
N ARG B 399 7.03 -58.00 -5.20
N ARG B 399 7.00 -58.02 -5.21
CA ARG B 399 5.80 -57.25 -5.48
CA ARG B 399 5.73 -57.33 -5.45
C ARG B 399 5.10 -57.69 -6.76
C ARG B 399 5.07 -57.73 -6.75
N THR B 400 5.67 -58.63 -7.52
CA THR B 400 5.11 -59.05 -8.80
C THR B 400 4.83 -60.54 -8.93
N VAL B 401 5.48 -61.39 -8.13
CA VAL B 401 5.58 -62.80 -8.44
C VAL B 401 5.18 -63.62 -7.23
N GLN B 402 4.45 -64.71 -7.47
CA GLN B 402 4.14 -65.70 -6.44
C GLN B 402 4.67 -67.06 -6.89
N ASP B 403 5.54 -67.65 -6.07
CA ASP B 403 5.96 -69.03 -6.26
C ASP B 403 4.75 -69.95 -6.35
N LEU B 404 4.69 -70.74 -7.41
CA LEU B 404 3.63 -71.75 -7.54
C LEU B 404 4.07 -73.15 -7.11
N ARG B 405 5.34 -73.34 -6.80
CA ARG B 405 5.83 -74.69 -6.46
C ARG B 405 5.17 -75.19 -5.18
N PRO B 406 4.79 -76.46 -5.08
CA PRO B 406 4.14 -76.96 -3.91
C PRO B 406 5.09 -77.06 -2.71
N ARG B 407 4.50 -76.99 -1.52
CA ARG B 407 5.24 -77.00 -0.24
C ARG B 407 5.63 -78.43 0.15
N ASN B 408 6.88 -78.58 0.52
CA ASN B 408 7.43 -79.89 0.91
C ASN B 408 6.61 -80.40 2.07
N SER B 409 5.96 -81.56 1.89
CA SER B 409 5.19 -82.28 2.90
C SER B 409 4.12 -81.42 3.57
C1 NAG C . -18.68 58.39 10.93
C2 NAG C . -18.42 57.59 9.66
C3 NAG C . -18.95 56.17 9.80
C4 NAG C . -18.37 55.54 11.06
C5 NAG C . -18.88 56.28 12.27
C6 NAG C . -17.82 56.50 13.34
C7 NAG C . -18.37 59.17 7.75
C8 NAG C . -17.03 59.63 8.26
N2 NAG C . -18.98 58.21 8.48
O1 NAG C . -17.47 58.81 11.46
O3 NAG C . -18.59 55.42 8.65
O4 NAG C . -18.82 54.20 11.17
O5 NAG C . -19.42 57.57 11.91
O6 NAG C . -18.28 56.09 14.61
O7 NAG C . -18.88 59.64 6.76
C1 GAL C . -17.69 53.36 11.25
C2 GAL C . -18.24 51.97 11.45
C3 GAL C . -17.18 50.93 11.21
C4 GAL C . -16.56 51.17 9.82
C5 GAL C . -16.00 52.61 9.80
C6 GAL C . -15.49 53.11 8.47
O2 GAL C . -18.79 51.79 12.77
O3 GAL C . -17.75 49.61 11.27
O4 GAL C . -17.58 51.07 8.84
O5 GAL C . -17.00 53.52 10.07
O6 GAL C . -14.42 52.37 8.02
C1 SIA C . -15.55 48.29 11.14
C2 SIA C . -17.03 48.55 11.77
C3 SIA C . -18.08 47.41 11.69
C4 SIA C . -17.70 46.17 12.49
C5 SIA C . -17.40 46.56 13.94
C6 SIA C . -16.45 47.79 13.95
C7 SIA C . -16.09 48.31 15.35
C8 SIA C . -15.26 49.59 15.23
C9 SIA C . -15.09 50.19 16.62
C10 SIA C . -17.32 44.84 15.68
C11 SIA C . -16.56 43.68 16.32
N5 SIA C . -16.74 45.46 14.62
O1A SIA C . -15.46 47.56 10.10
O1B SIA C . -14.57 48.86 11.73
O4 SIA C . -18.74 45.19 12.56
O6 SIA C . -16.99 48.88 13.21
O7 SIA C . -17.25 48.53 16.14
O8 SIA C . -14.01 49.33 14.57
O9 SIA C . -13.70 50.27 16.89
O10 SIA C . -18.42 45.19 16.11
C1 NAG D . -11.49 -38.39 14.94
C2 NAG D . -11.50 -37.39 13.79
C3 NAG D . -10.39 -37.73 12.80
C4 NAG D . -9.05 -37.84 13.51
C5 NAG D . -9.13 -38.73 14.75
C6 NAG D . -7.89 -38.66 15.61
C7 NAG D . -13.58 -36.27 13.09
C8 NAG D . -13.04 -35.05 13.76
N2 NAG D . -12.79 -37.36 13.13
O1 NAG D . -12.52 -38.08 15.82
O3 NAG D . -10.35 -36.71 11.80
O4 NAG D . -8.12 -38.43 12.60
O5 NAG D . -10.23 -38.35 15.59
O6 NAG D . -7.68 -37.34 16.12
O7 NAG D . -14.66 -36.28 12.52
C1 GAL D . -7.00 -37.55 12.37
C2 GAL D . -5.91 -38.37 11.64
C3 GAL D . -4.77 -37.50 11.15
C4 GAL D . -5.30 -36.24 10.43
C5 GAL D . -6.33 -35.56 11.31
C6 GAL D . -6.99 -34.29 10.70
O2 GAL D . -5.34 -39.30 12.51
O3 GAL D . -3.93 -38.23 10.26
O4 GAL D . -5.87 -36.58 9.18
O5 GAL D . -7.38 -36.46 11.59
O6 GAL D . -7.18 -33.28 11.69
C1 SIA D . -2.08 -36.65 9.84
C2 SIA D . -2.56 -38.11 10.30
C3 SIA D . -1.94 -39.29 9.55
C4 SIA D . -0.42 -39.40 9.76
C5 SIA D . -0.02 -39.44 11.23
C6 SIA D . -0.77 -38.31 11.98
C7 SIA D . -0.66 -38.32 13.52
C8 SIA D . -1.63 -37.28 14.15
C9 SIA D . -1.40 -37.14 15.64
C10 SIA D . 2.39 -39.81 11.95
C11 SIA D . 1.94 -40.94 12.87
N5 SIA D . 1.41 -39.19 11.26
O1A SIA D . -2.08 -35.76 10.75
O1B SIA D . -1.77 -36.51 8.63
O4 SIA D . 0.19 -40.55 9.15
O6 SIA D . -2.17 -38.34 11.71
O7 SIA D . -0.87 -39.63 14.03
O8 SIA D . -1.55 -36.02 13.47
O9 SIA D . -2.38 -36.24 16.16
O10 SIA D . 3.58 -39.50 11.88
C1 NAG E . 33.87 -16.41 -22.83
C2 NAG E . 33.32 -15.93 -21.50
C3 NAG E . 32.77 -17.10 -20.71
C4 NAG E . 31.74 -17.87 -21.53
C5 NAG E . 32.24 -18.18 -22.95
C6 NAG E . 31.14 -18.65 -23.86
C7 NAG E . 34.13 -14.03 -20.18
C8 NAG E . 32.77 -13.43 -20.38
N2 NAG E . 34.34 -15.22 -20.74
O1 NAG E . 34.41 -15.34 -23.52
O3 NAG E . 32.18 -16.61 -19.51
O4 NAG E . 31.51 -19.11 -20.88
O5 NAG E . 32.83 -17.03 -23.57
O6 NAG E . 30.27 -17.59 -24.23
O7 NAG E . 35.01 -13.46 -19.54
C1 GAL E . 30.18 -19.29 -20.39
C2 GAL E . 30.10 -20.75 -19.97
C3 GAL E . 28.75 -21.10 -19.41
C4 GAL E . 28.44 -20.16 -18.21
C5 GAL E . 28.60 -18.69 -18.65
C6 GAL E . 28.49 -17.67 -17.49
O2 GAL E . 30.35 -21.63 -21.08
O3 GAL E . 28.70 -22.47 -18.97
O4 GAL E . 29.28 -20.42 -17.11
O5 GAL E . 29.88 -18.45 -19.26
O6 GAL E . 27.44 -16.74 -17.71
C1 SIA E . 26.42 -22.90 -18.14
C2 SIA E . 27.70 -23.40 -18.95
C3 SIA E . 28.06 -24.85 -18.60
C4 SIA E . 26.96 -25.81 -19.08
C5 SIA E . 26.61 -25.64 -20.56
C6 SIA E . 26.35 -24.15 -20.88
C7 SIA E . 26.12 -23.82 -22.40
C8 SIA E . 25.47 -22.41 -22.70
C9 SIA E . 25.75 -21.37 -21.64
C10 SIA E . 25.02 -27.18 -21.77
C11 SIA E . 25.93 -27.23 -22.99
N5 SIA E . 25.41 -26.42 -20.72
O1A SIA E . 26.24 -23.41 -17.01
O1B SIA E . 25.72 -22.02 -18.72
O4 SIA E . 27.30 -27.20 -18.91
O6 SIA E . 27.47 -23.38 -20.41
O7 SIA E . 27.29 -24.10 -23.17
O8 SIA E . 25.83 -21.82 -23.95
O9 SIA E . 24.74 -21.44 -20.63
O10 SIA E . 23.96 -27.81 -21.75
C1 NAG F . -28.03 55.01 4.95
C2 NAG F . -27.83 53.91 5.98
C3 NAG F . -26.56 53.14 5.63
C4 NAG F . -26.67 52.57 4.23
C5 NAG F . -27.04 53.65 3.21
C6 NAG F . -27.42 53.08 1.86
C7 NAG F . -28.80 54.36 8.18
C8 NAG F . -28.57 54.93 9.55
N2 NAG F . -27.77 54.43 7.34
O1 NAG F . -29.15 55.77 5.28
O3 NAG F . -26.32 52.11 6.59
O4 NAG F . -25.42 52.04 3.86
O5 NAG F . -28.17 54.43 3.65
O6 NAG F . -27.75 54.11 0.94
O7 NAG F . -29.89 53.88 7.87
C1 GAL F . -25.52 50.66 3.52
C2 GAL F . -24.10 50.33 3.06
C3 GAL F . -23.87 48.84 2.92
C4 GAL F . -24.25 48.17 4.26
C5 GAL F . -25.71 48.50 4.61
C6 GAL F . -26.08 48.04 6.00
O2 GAL F . -23.85 50.96 1.79
O3 GAL F . -22.48 48.52 2.62
O4 GAL F . -23.40 48.60 5.33
O5 GAL F . -25.94 49.91 4.63
O6 GAL F . -27.44 47.86 6.09
C1 SIA F . -23.05 46.05 2.15
C2 SIA F . -22.27 47.43 1.80
C3 SIA F . -20.73 47.40 1.82
C4 SIA F . -20.10 46.57 0.71
C5 SIA F . -20.72 46.89 -0.66
C6 SIA F . -22.25 46.91 -0.58
C7 SIA F . -22.97 47.35 -1.87
C8 SIA F . -24.51 47.34 -1.69
C9 SIA F . -25.18 47.38 -3.05
C10 SIA F . -19.69 46.06 -2.71
C11 SIA F . -19.31 44.83 -3.55
N5 SIA F . -20.33 45.82 -1.56
O1A SIA F . -24.20 45.84 1.61
O1B SIA F . -22.45 45.32 3.00
O4 SIA F . -18.65 46.68 0.63
O6 SIA F . -22.61 47.83 0.42
O7 SIA F . -22.50 48.64 -2.26
O8 SIA F . -24.98 46.24 -0.90
O9 SIA F . -26.41 48.07 -2.86
O10 SIA F . -19.46 47.20 -3.07
CA CA G . 7.63 64.32 1.30
CA CA H . -12.35 23.10 9.36
CA CA I . -10.85 -8.74 9.93
CA CA J . 21.07 -38.17 -2.84
CA CA K . -49.42 37.40 13.02
CA CA L . -6.83 26.02 -1.47
CA CA M . 14.03 2.35 -9.77
CA CA N . 11.33 -43.05 -9.29
#